data_3EN9
#
_entry.id   3EN9
#
_cell.length_a   148.730
_cell.length_b   148.730
_cell.length_c   136.420
_cell.angle_alpha   90.00
_cell.angle_beta   90.00
_cell.angle_gamma   90.00
#
_symmetry.space_group_name_H-M   'P 41 2 2'
#
loop_
_entity.id
_entity.type
_entity.pdbx_description
1 polymer 'O-sialoglycoprotein endopeptidase/protein kinase'
2 non-polymer 'MAGNESIUM ION'
3 non-polymer 'HEXATANTALUM DODECABROMIDE'
4 water water
#
_entity_poly.entity_id   1
_entity_poly.type   'polypeptide(L)'
_entity_poly.pdbx_seq_one_letter_code
;GAMDPMICLGLEGTAEKTGVGIVTSDGEVLFNKTIMYKPPKQGINPREAADHHAETFPKLIKEAFEVVDKNEIDLIAFSQ
GPGLGPSLRVTATVARTLSLTLKKPIIGVNHCIAHIEIGKLTTEAEDPLTLYVSGGNTQVIAYVSKKYRVFGETLDIAVG
NCLDQFARYVNLPHPGGPYIEELARKGKKLVDLPYTVKGMDIAFSGLLTAAMRAYDAGERLEDICYSLQEYAFSMLTEIT
ERALAHTNKGEVMLVGGVAANNRLREMLKAMCEGQNVDFYVPPKEFCGDNGAMIAWLGLLMHKNGRWMSLDETKIIPNYR
TDMVEVNWIKEIKGKKRKIPEHLIGKGAEADIKRDSYLDFDVIIKERVKKGYRDERLDENIRKSRTAREARYLALVKDFG
IPAPYIFDVDLDNKRIMMSYINGKLAKDVIEDNLDIAYKIGEIVGKLHKNDVIHNDLTTSNFIFDKDLYIIDFGLGKISN
LDEDKAVDLIVFKKAVLSTHHEKFDEIWERFLEGYKSVYDRWEIILELMKDVERRARYVE
;
_entity_poly.pdbx_strand_id   A,B
#
# COMPACT_ATOMS: atom_id res chain seq x y z
N MET A 3 38.52 2.47 25.44
CA MET A 3 39.00 2.18 24.09
C MET A 3 38.80 0.72 23.69
N ASP A 4 38.17 -0.05 24.58
CA ASP A 4 37.99 -1.48 24.36
C ASP A 4 37.28 -1.80 23.04
N PRO A 5 36.01 -1.40 22.90
CA PRO A 5 35.37 -1.62 21.60
C PRO A 5 35.92 -0.65 20.58
N MET A 6 36.63 -1.18 19.58
CA MET A 6 37.07 -0.40 18.43
C MET A 6 35.85 -0.08 17.58
N ILE A 7 35.63 1.18 17.26
CA ILE A 7 34.44 1.56 16.53
C ILE A 7 34.78 2.00 15.10
N CYS A 8 33.92 1.60 14.15
CA CYS A 8 34.14 1.90 12.74
C CYS A 8 32.93 2.56 12.10
N LEU A 9 33.19 3.58 11.28
CA LEU A 9 32.16 4.24 10.49
C LEU A 9 32.22 3.76 9.05
N GLY A 10 31.12 3.22 8.55
CA GLY A 10 31.06 2.71 7.19
C GLY A 10 30.10 3.46 6.31
N LEU A 11 30.50 3.62 5.04
CA LEU A 11 29.66 4.25 4.02
C LEU A 11 29.12 3.21 3.02
N GLU A 12 27.81 3.24 2.78
CA GLU A 12 27.23 2.46 1.69
C GLU A 12 26.81 3.40 0.58
N GLY A 13 27.15 3.06 -0.66
CA GLY A 13 26.75 3.86 -1.78
C GLY A 13 26.99 3.16 -3.10
N THR A 14 26.67 1.87 -3.16
CA THR A 14 26.97 1.13 -4.37
C THR A 14 25.84 1.33 -5.35
N ALA A 15 24.67 1.69 -4.85
CA ALA A 15 23.50 1.68 -5.72
C ALA A 15 22.65 2.94 -5.56
N GLU A 16 21.42 2.74 -5.10
CA GLU A 16 20.46 3.83 -5.01
C GLU A 16 20.24 4.32 -3.57
N LYS A 17 20.90 3.70 -2.63
CA LYS A 17 20.70 4.04 -1.23
C LYS A 17 21.93 4.62 -0.56
N THR A 18 21.76 5.77 0.08
CA THR A 18 22.83 6.39 0.83
C THR A 18 22.74 5.95 2.29
N GLY A 19 23.78 5.26 2.75
CA GLY A 19 23.76 4.67 4.08
C GLY A 19 25.00 4.91 4.87
N VAL A 20 24.83 5.35 6.11
CA VAL A 20 25.93 5.62 7.01
C VAL A 20 25.76 4.81 8.28
N GLY A 21 26.82 4.12 8.69
CA GLY A 21 26.74 3.25 9.84
C GLY A 21 27.92 3.39 10.79
N ILE A 22 27.64 3.26 12.09
CA ILE A 22 28.69 3.17 13.09
C ILE A 22 28.51 1.89 13.89
N VAL A 23 29.57 1.08 13.92
CA VAL A 23 29.51 -0.21 14.58
C VAL A 23 30.77 -0.43 15.39
N THR A 24 30.67 -1.21 16.47
CA THR A 24 31.84 -1.51 17.29
C THR A 24 32.27 -2.95 17.10
N SER A 25 33.57 -3.22 17.27
CA SER A 25 34.09 -4.57 17.07
C SER A 25 33.36 -5.58 17.92
N ASP A 26 32.63 -5.09 18.92
CA ASP A 26 31.84 -5.96 19.80
C ASP A 26 30.47 -6.29 19.20
N GLY A 27 30.24 -5.84 17.97
CA GLY A 27 29.03 -6.20 17.26
C GLY A 27 27.88 -5.26 17.58
N GLU A 28 28.19 -4.18 18.27
CA GLU A 28 27.18 -3.20 18.64
C GLU A 28 26.98 -2.17 17.53
N VAL A 29 25.72 -1.91 17.18
CA VAL A 29 25.38 -0.91 16.19
C VAL A 29 24.95 0.37 16.90
N LEU A 30 25.85 1.34 16.91
CA LEU A 30 25.61 2.61 17.57
C LEU A 30 24.79 3.55 16.68
N PHE A 31 24.88 3.34 15.37
CA PHE A 31 24.24 4.23 14.41
C PHE A 31 24.03 3.53 13.07
N ASN A 32 22.88 3.80 12.44
CA ASN A 32 22.57 3.24 11.15
C ASN A 32 21.35 3.89 10.50
N LYS A 33 21.58 4.87 9.63
CA LYS A 33 20.51 5.50 8.86
C LYS A 33 20.82 5.47 7.36
N THR A 34 19.79 5.29 6.54
CA THR A 34 19.94 5.24 5.11
C THR A 34 18.81 6.03 4.45
N ILE A 35 19.14 6.73 3.36
CA ILE A 35 18.16 7.49 2.58
C ILE A 35 18.24 7.15 1.09
N MET A 36 17.09 7.00 0.46
CA MET A 36 17.04 6.53 -0.90
C MET A 36 16.99 7.64 -1.95
N TYR A 37 17.61 7.36 -3.08
CA TYR A 37 17.50 8.18 -4.28
C TYR A 37 16.06 8.18 -4.80
N LYS A 38 15.53 9.36 -5.09
CA LYS A 38 14.18 9.48 -5.63
C LYS A 38 14.32 10.06 -7.03
N PRO A 39 14.28 9.20 -8.05
CA PRO A 39 14.61 9.59 -9.42
C PRO A 39 13.64 10.62 -9.96
N PRO A 40 14.15 11.66 -10.64
CA PRO A 40 13.36 12.65 -11.36
C PRO A 40 12.97 12.12 -12.74
N LYS A 41 11.98 12.75 -13.38
CA LYS A 41 11.50 12.35 -14.70
C LYS A 41 12.66 12.04 -15.68
N GLN A 42 12.54 10.90 -16.36
CA GLN A 42 13.64 10.36 -17.18
C GLN A 42 13.87 11.13 -18.47
N GLY A 43 13.35 12.35 -18.54
CA GLY A 43 13.48 13.17 -19.74
C GLY A 43 14.79 13.94 -19.80
N ILE A 44 14.70 15.21 -20.16
CA ILE A 44 15.86 16.10 -20.12
C ILE A 44 15.97 16.67 -18.71
N ASN A 45 17.09 17.31 -18.41
CA ASN A 45 17.36 17.74 -17.04
C ASN A 45 17.52 16.50 -16.15
N PRO A 46 18.53 15.67 -16.47
CA PRO A 46 18.70 14.38 -15.81
C PRO A 46 19.49 14.49 -14.51
N ARG A 47 19.34 13.47 -13.68
CA ARG A 47 20.14 13.35 -12.46
C ARG A 47 20.56 11.91 -12.40
N GLU A 48 21.49 11.62 -11.51
CA GLU A 48 21.95 10.27 -11.29
C GLU A 48 22.07 10.03 -9.79
N ALA A 49 22.07 8.77 -9.38
CA ALA A 49 22.17 8.45 -7.95
C ALA A 49 23.40 9.09 -7.31
N ALA A 50 24.51 9.12 -8.04
CA ALA A 50 25.70 9.84 -7.59
C ALA A 50 25.39 11.25 -7.05
N ASP A 51 24.57 12.01 -7.79
CA ASP A 51 24.17 13.36 -7.36
C ASP A 51 23.45 13.28 -6.02
N HIS A 52 22.59 12.28 -5.88
CA HIS A 52 21.89 12.03 -4.63
C HIS A 52 22.85 11.70 -3.50
N HIS A 53 23.84 10.86 -3.78
CA HIS A 53 24.81 10.51 -2.74
C HIS A 53 25.60 11.74 -2.30
N ALA A 54 25.95 12.59 -3.25
CA ALA A 54 26.74 13.75 -2.90
C ALA A 54 25.95 14.69 -1.98
N GLU A 55 24.66 14.86 -2.27
CA GLU A 55 23.82 15.70 -1.42
C GLU A 55 23.50 15.07 -0.08
N THR A 56 23.49 13.74 -0.01
CA THR A 56 22.92 13.06 1.15
C THR A 56 23.95 12.63 2.19
N PHE A 57 25.10 12.14 1.73
CA PHE A 57 26.16 11.70 2.64
C PHE A 57 26.47 12.71 3.74
N PRO A 58 26.63 13.98 3.40
CA PRO A 58 27.02 14.84 4.52
C PRO A 58 25.86 15.13 5.47
N LYS A 59 24.61 15.05 5.02
CA LYS A 59 23.49 15.24 5.95
C LYS A 59 23.50 14.10 6.97
N LEU A 60 23.77 12.91 6.46
CA LEU A 60 23.82 11.70 7.28
C LEU A 60 25.00 11.64 8.22
N ILE A 61 26.13 12.22 7.80
CA ILE A 61 27.36 12.16 8.59
C ILE A 61 27.25 13.14 9.76
N LYS A 62 26.57 14.25 9.52
CA LYS A 62 26.25 15.20 10.59
C LYS A 62 25.46 14.50 11.71
N GLU A 63 24.40 13.81 11.33
CA GLU A 63 23.59 13.09 12.29
C GLU A 63 24.46 12.10 13.04
N ALA A 64 25.32 11.39 12.32
CA ALA A 64 26.17 10.40 12.93
C ALA A 64 27.06 11.01 14.01
N PHE A 65 27.60 12.19 13.72
CA PHE A 65 28.55 12.82 14.61
C PHE A 65 27.84 13.48 15.79
N GLU A 66 26.53 13.64 15.63
CA GLU A 66 25.69 14.08 16.72
C GLU A 66 25.42 12.92 17.69
N VAL A 67 25.51 11.69 17.20
CA VAL A 67 25.30 10.54 18.08
C VAL A 67 26.58 10.01 18.70
N VAL A 68 27.65 9.92 17.94
CA VAL A 68 28.94 9.55 18.51
C VAL A 68 30.04 10.55 18.22
N ASP A 69 31.01 10.61 19.13
CA ASP A 69 32.15 11.51 19.00
C ASP A 69 33.04 11.05 17.85
N LYS A 70 33.23 11.92 16.86
CA LYS A 70 34.05 11.55 15.71
C LYS A 70 35.48 11.18 16.11
N ASN A 71 35.94 11.72 17.24
CA ASN A 71 37.29 11.41 17.70
C ASN A 71 37.37 10.01 18.26
N GLU A 72 36.19 9.45 18.52
CA GLU A 72 36.08 8.09 19.02
C GLU A 72 36.12 7.04 17.93
N ILE A 73 35.86 7.42 16.67
CA ILE A 73 35.85 6.44 15.60
C ILE A 73 37.28 6.09 15.16
N ASP A 74 37.54 4.80 14.97
CA ASP A 74 38.90 4.31 14.80
C ASP A 74 39.20 3.83 13.40
N LEU A 75 38.14 3.54 12.65
CA LEU A 75 38.31 3.05 11.30
C LEU A 75 37.17 3.57 10.46
N ILE A 76 37.45 3.90 9.22
CA ILE A 76 36.37 4.21 8.30
C ILE A 76 36.36 3.24 7.13
N ALA A 77 35.19 2.70 6.83
CA ALA A 77 35.03 1.73 5.76
C ALA A 77 34.02 2.23 4.73
N PHE A 78 34.16 1.75 3.49
CA PHE A 78 33.19 2.12 2.46
C PHE A 78 33.01 0.99 1.49
N SER A 79 31.87 1.00 0.80
CA SER A 79 31.52 -0.01 -0.16
C SER A 79 32.33 0.21 -1.42
N GLN A 80 33.29 -0.68 -1.67
CA GLN A 80 34.22 -0.55 -2.79
C GLN A 80 33.62 -1.04 -4.11
N GLY A 81 32.56 -1.85 -3.99
CA GLY A 81 31.95 -2.53 -5.11
C GLY A 81 31.28 -3.81 -4.64
N PRO A 82 30.55 -4.47 -5.54
CA PRO A 82 30.34 -4.04 -6.90
C PRO A 82 29.32 -2.92 -6.92
N GLY A 83 28.94 -2.41 -8.08
CA GLY A 83 27.93 -1.37 -8.18
C GLY A 83 28.17 -0.28 -9.22
N LEU A 84 27.29 0.72 -9.20
CA LEU A 84 27.34 1.85 -10.12
C LEU A 84 28.62 2.64 -9.92
N GLY A 85 29.35 2.84 -11.00
CA GLY A 85 30.62 3.53 -10.94
C GLY A 85 30.50 4.94 -10.38
N PRO A 86 29.61 5.73 -10.98
CA PRO A 86 29.55 7.10 -10.47
C PRO A 86 29.12 7.15 -9.01
N SER A 87 28.41 6.13 -8.53
CA SER A 87 28.01 6.11 -7.13
C SER A 87 29.17 5.67 -6.24
N LEU A 88 29.91 4.68 -6.72
CA LEU A 88 31.12 4.22 -6.04
C LEU A 88 32.11 5.35 -5.80
N ARG A 89 32.28 6.24 -6.78
CA ARG A 89 33.27 7.31 -6.71
C ARG A 89 32.90 8.38 -5.71
N VAL A 90 31.63 8.76 -5.64
CA VAL A 90 31.22 9.70 -4.60
C VAL A 90 31.42 9.05 -3.23
N THR A 91 30.94 7.83 -3.06
CA THR A 91 31.18 7.12 -1.81
C THR A 91 32.68 7.09 -1.44
N ALA A 92 33.54 6.69 -2.39
CA ALA A 92 34.98 6.62 -2.13
C ALA A 92 35.60 7.97 -1.77
N THR A 93 35.21 9.02 -2.49
CA THR A 93 35.79 10.33 -2.28
C THR A 93 35.41 10.86 -0.90
N VAL A 94 34.21 10.51 -0.43
CA VAL A 94 33.74 10.96 0.87
C VAL A 94 34.43 10.15 1.95
N ALA A 95 34.57 8.86 1.72
CA ALA A 95 35.29 8.01 2.65
C ALA A 95 36.76 8.41 2.75
N ARG A 96 37.37 8.84 1.64
CA ARG A 96 38.78 9.20 1.68
C ARG A 96 38.99 10.50 2.43
N THR A 97 38.07 11.43 2.24
CA THR A 97 38.16 12.69 2.96
C THR A 97 38.09 12.48 4.47
N LEU A 98 37.31 11.50 4.89
CA LEU A 98 37.13 11.21 6.31
C LEU A 98 38.40 10.61 6.91
N SER A 99 38.98 9.66 6.19
CA SER A 99 40.21 9.03 6.64
C SER A 99 41.34 10.05 6.76
N LEU A 100 41.39 11.00 5.84
CA LEU A 100 42.46 11.99 5.81
C LEU A 100 42.32 13.07 6.89
N THR A 101 41.09 13.42 7.25
CA THR A 101 40.95 14.53 8.18
C THR A 101 40.86 14.01 9.59
N LEU A 102 40.33 12.80 9.75
CA LEU A 102 40.32 12.12 11.04
C LEU A 102 41.68 11.49 11.27
N LYS A 103 42.44 11.34 10.19
CA LYS A 103 43.76 10.74 10.27
C LYS A 103 43.63 9.32 10.83
N LYS A 104 42.76 8.52 10.20
CA LYS A 104 42.51 7.15 10.62
C LYS A 104 42.55 6.22 9.42
N PRO A 105 42.70 4.92 9.65
CA PRO A 105 42.86 4.03 8.50
C PRO A 105 41.55 3.90 7.74
N ILE A 106 41.62 3.40 6.50
CA ILE A 106 40.44 3.26 5.66
C ILE A 106 40.46 1.87 5.06
N ILE A 107 39.29 1.24 4.95
CA ILE A 107 39.22 -0.06 4.31
C ILE A 107 38.07 -0.19 3.30
N GLY A 108 38.40 -0.62 2.09
CA GLY A 108 37.43 -0.88 1.04
C GLY A 108 36.87 -2.28 1.17
N VAL A 109 35.56 -2.40 1.06
CA VAL A 109 34.84 -3.59 1.48
C VAL A 109 33.93 -4.07 0.35
N ASN A 110 33.78 -5.38 0.22
CA ASN A 110 32.87 -5.94 -0.76
C ASN A 110 31.42 -5.89 -0.28
N HIS A 111 30.61 -5.09 -0.95
CA HIS A 111 29.20 -4.87 -0.63
C HIS A 111 28.43 -6.18 -0.52
N CYS A 112 28.69 -7.10 -1.44
CA CYS A 112 27.97 -8.35 -1.43
C CYS A 112 28.25 -9.16 -0.17
N ILE A 113 29.50 -9.31 0.20
CA ILE A 113 29.77 -10.18 1.35
C ILE A 113 29.56 -9.42 2.64
N ALA A 114 29.26 -8.13 2.53
CA ALA A 114 28.86 -7.34 3.69
C ALA A 114 27.38 -7.59 3.98
N HIS A 115 26.57 -7.71 2.95
CA HIS A 115 25.17 -8.06 3.17
C HIS A 115 25.06 -9.34 4.00
N ILE A 116 25.92 -10.31 3.71
CA ILE A 116 25.76 -11.59 4.37
C ILE A 116 26.42 -11.61 5.73
N GLU A 117 27.53 -10.90 5.90
CA GLU A 117 28.17 -10.86 7.22
C GLU A 117 27.28 -10.27 8.34
N ILE A 118 26.52 -9.20 8.05
CA ILE A 118 25.60 -8.71 9.07
C ILE A 118 24.41 -9.61 9.19
N GLY A 119 24.21 -10.45 8.18
CA GLY A 119 23.24 -11.52 8.29
C GLY A 119 23.62 -12.42 9.45
N LYS A 120 24.91 -12.77 9.52
CA LYS A 120 25.42 -13.73 10.50
C LYS A 120 25.45 -13.11 11.87
N LEU A 121 25.71 -11.81 11.88
CA LEU A 121 25.85 -11.01 13.08
C LEU A 121 24.48 -10.71 13.70
N THR A 122 23.46 -10.72 12.86
CA THR A 122 22.22 -10.07 13.22
C THR A 122 21.10 -11.12 13.27
N THR A 123 21.47 -12.35 12.96
CA THR A 123 20.54 -13.44 12.80
C THR A 123 21.20 -14.66 13.42
N GLU A 124 20.44 -15.74 13.59
CA GLU A 124 21.01 -16.95 14.14
C GLU A 124 21.66 -17.85 13.09
N ALA A 125 21.92 -17.29 11.92
CA ALA A 125 22.63 -18.00 10.88
C ALA A 125 24.11 -17.97 11.22
N GLU A 126 24.86 -19.01 10.79
CA GLU A 126 26.31 -19.00 10.99
C GLU A 126 27.12 -19.41 9.74
N ASP A 127 26.52 -20.21 8.88
CA ASP A 127 27.19 -20.65 7.67
C ASP A 127 26.16 -20.97 6.58
N PRO A 128 25.39 -19.94 6.18
CA PRO A 128 24.25 -20.08 5.29
C PRO A 128 24.56 -20.01 3.79
N LEU A 129 23.74 -20.70 3.00
CA LEU A 129 23.65 -20.46 1.58
C LEU A 129 22.73 -19.27 1.44
N THR A 130 23.22 -18.18 0.87
CA THR A 130 22.45 -16.95 0.90
C THR A 130 22.05 -16.43 -0.47
N LEU A 131 20.74 -16.20 -0.63
CA LEU A 131 20.20 -15.65 -1.87
C LEU A 131 20.16 -14.16 -1.69
N TYR A 132 20.96 -13.44 -2.48
CA TYR A 132 21.01 -11.99 -2.39
C TYR A 132 20.28 -11.36 -3.58
N VAL A 133 19.14 -10.72 -3.30
CA VAL A 133 18.37 -10.06 -4.36
C VAL A 133 18.14 -8.58 -4.09
N SER A 134 18.23 -7.79 -5.15
CA SER A 134 18.08 -6.35 -5.06
C SER A 134 17.87 -5.82 -6.46
N GLY A 135 17.98 -4.50 -6.58
CA GLY A 135 17.72 -3.84 -7.85
C GLY A 135 18.81 -4.08 -8.87
N GLY A 136 20.04 -4.28 -8.40
CA GLY A 136 21.16 -4.40 -9.29
C GLY A 136 21.86 -5.73 -9.17
N ASN A 137 21.53 -6.44 -8.10
CA ASN A 137 22.19 -7.69 -7.79
C ASN A 137 21.19 -8.83 -7.63
N THR A 138 21.51 -9.99 -8.17
CA THR A 138 20.88 -11.21 -7.69
C THR A 138 21.81 -12.39 -7.89
N GLN A 139 22.30 -12.91 -6.79
CA GLN A 139 23.15 -14.08 -6.86
C GLN A 139 23.06 -14.94 -5.61
N VAL A 140 23.34 -16.24 -5.78
CA VAL A 140 23.36 -17.18 -4.67
C VAL A 140 24.79 -17.37 -4.19
N ILE A 141 25.07 -17.00 -2.94
CA ILE A 141 26.43 -17.07 -2.39
C ILE A 141 26.57 -17.96 -1.18
N ALA A 142 27.67 -18.70 -1.13
CA ALA A 142 28.03 -19.50 0.04
C ALA A 142 29.55 -19.50 0.22
N TYR A 143 30.01 -19.57 1.48
CA TYR A 143 31.43 -19.64 1.78
C TYR A 143 31.95 -21.08 1.65
N VAL A 144 32.71 -21.33 0.59
CA VAL A 144 33.23 -22.67 0.34
C VAL A 144 34.68 -22.60 -0.09
N SER A 145 35.49 -23.48 0.51
CA SER A 145 36.94 -23.52 0.28
C SER A 145 37.60 -22.15 0.52
N LYS A 146 37.38 -21.58 1.70
CA LYS A 146 38.16 -20.43 2.12
C LYS A 146 37.79 -19.15 1.38
N LYS A 147 36.72 -19.20 0.59
CA LYS A 147 36.29 -18.06 -0.21
C LYS A 147 34.78 -17.97 -0.36
N TYR A 148 34.26 -16.74 -0.36
CA TYR A 148 32.85 -16.54 -0.68
C TYR A 148 32.66 -16.65 -2.18
N ARG A 149 31.84 -17.59 -2.62
CA ARG A 149 31.71 -17.89 -4.05
C ARG A 149 30.26 -17.79 -4.52
N VAL A 150 30.09 -17.45 -5.79
CA VAL A 150 28.80 -17.43 -6.47
C VAL A 150 28.50 -18.79 -7.06
N PHE A 151 27.35 -19.34 -6.73
CA PHE A 151 26.97 -20.63 -7.27
C PHE A 151 25.78 -20.48 -8.24
N GLY A 152 25.23 -19.29 -8.27
CA GLY A 152 24.08 -19.04 -9.13
C GLY A 152 23.95 -17.54 -9.18
N GLU A 153 23.65 -17.02 -10.36
CA GLU A 153 23.52 -15.58 -10.48
C GLU A 153 22.67 -15.29 -11.70
N THR A 154 22.18 -14.06 -11.78
CA THR A 154 21.46 -13.68 -12.96
C THR A 154 22.41 -13.51 -14.16
N LEU A 155 21.91 -13.83 -15.33
CA LEU A 155 22.65 -13.69 -16.59
C LEU A 155 22.37 -12.37 -17.30
N ASP A 156 21.45 -11.57 -16.77
CA ASP A 156 21.18 -10.29 -17.42
C ASP A 156 20.87 -9.20 -16.40
N ILE A 157 19.60 -8.89 -16.22
CA ILE A 157 19.19 -7.95 -15.19
C ILE A 157 18.86 -8.63 -13.85
N ALA A 158 18.96 -7.86 -12.77
CA ALA A 158 18.60 -8.34 -11.43
C ALA A 158 17.07 -8.31 -11.26
N VAL A 159 16.54 -9.14 -10.36
CA VAL A 159 15.08 -9.28 -10.19
C VAL A 159 14.42 -7.95 -9.80
N GLY A 160 15.07 -7.23 -8.88
CA GLY A 160 14.62 -5.90 -8.50
C GLY A 160 14.44 -5.04 -9.73
N ASN A 161 15.39 -5.12 -10.67
CA ASN A 161 15.27 -4.32 -11.87
C ASN A 161 14.18 -4.80 -12.82
N CYS A 162 13.99 -6.12 -12.88
CA CYS A 162 12.87 -6.68 -13.64
C CYS A 162 11.54 -6.09 -13.19
N LEU A 163 11.28 -6.16 -11.90
CA LEU A 163 10.08 -5.55 -11.33
C LEU A 163 9.98 -4.03 -11.58
N ASP A 164 11.10 -3.32 -11.44
CA ASP A 164 11.12 -1.87 -11.53
C ASP A 164 10.74 -1.43 -12.92
N GLN A 165 11.33 -2.07 -13.92
CA GLN A 165 11.00 -1.78 -15.31
C GLN A 165 9.54 -2.09 -15.65
N PHE A 166 9.02 -3.19 -15.10
CA PHE A 166 7.64 -3.55 -15.35
C PHE A 166 6.70 -2.51 -14.75
N ALA A 167 6.95 -2.16 -13.49
CA ALA A 167 6.17 -1.13 -12.80
C ALA A 167 6.15 0.15 -13.62
N ARG A 168 7.29 0.49 -14.22
CA ARG A 168 7.40 1.70 -15.00
C ARG A 168 6.50 1.58 -16.24
N TYR A 169 6.56 0.42 -16.87
CA TYR A 169 5.85 0.18 -18.10
C TYR A 169 4.37 0.35 -17.89
N VAL A 170 3.88 -0.11 -16.75
CA VAL A 170 2.46 -0.13 -16.48
C VAL A 170 2.06 1.11 -15.68
N ASN A 171 3.01 2.02 -15.51
CA ASN A 171 2.70 3.35 -15.01
C ASN A 171 2.43 3.42 -13.52
N LEU A 172 3.04 2.53 -12.77
CA LEU A 172 2.99 2.59 -11.32
C LEU A 172 4.10 3.52 -10.81
N PRO A 173 3.88 4.14 -9.65
CA PRO A 173 4.87 5.09 -9.13
C PRO A 173 6.07 4.38 -8.50
N HIS A 174 7.12 5.14 -8.21
CA HIS A 174 8.36 4.55 -7.73
C HIS A 174 8.48 4.73 -6.23
N PRO A 175 8.84 3.66 -5.50
CA PRO A 175 9.14 2.29 -5.91
C PRO A 175 7.84 1.54 -6.23
N GLY A 176 7.83 0.73 -7.28
CA GLY A 176 6.62 0.06 -7.70
C GLY A 176 6.46 -1.33 -7.12
N GLY A 177 7.57 -1.87 -6.62
CA GLY A 177 7.57 -3.17 -5.98
C GLY A 177 6.35 -3.38 -5.11
N PRO A 178 6.10 -2.47 -4.16
CA PRO A 178 4.95 -2.69 -3.25
C PRO A 178 3.63 -2.78 -3.98
N TYR A 179 3.48 -2.00 -5.04
CA TYR A 179 2.23 -2.06 -5.82
C TYR A 179 2.03 -3.38 -6.55
N ILE A 180 3.11 -3.90 -7.13
CA ILE A 180 3.01 -5.17 -7.84
C ILE A 180 2.66 -6.27 -6.85
N GLU A 181 3.20 -6.17 -5.66
CA GLU A 181 2.99 -7.18 -4.64
C GLU A 181 1.54 -7.18 -4.15
N GLU A 182 0.94 -6.01 -4.10
CA GLU A 182 -0.46 -5.91 -3.72
C GLU A 182 -1.36 -6.36 -4.84
N LEU A 183 -1.09 -5.92 -6.06
CA LEU A 183 -1.92 -6.33 -7.18
C LEU A 183 -1.90 -7.85 -7.36
N ALA A 184 -0.72 -8.43 -7.12
CA ALA A 184 -0.55 -9.87 -7.28
C ALA A 184 -1.45 -10.67 -6.35
N ARG A 185 -1.74 -10.11 -5.18
CA ARG A 185 -2.59 -10.78 -4.20
C ARG A 185 -4.02 -10.90 -4.72
N LYS A 186 -4.46 -9.94 -5.54
CA LYS A 186 -5.80 -9.97 -6.12
C LYS A 186 -5.86 -10.71 -7.46
N GLY A 187 -4.76 -11.33 -7.89
CA GLY A 187 -4.73 -12.02 -9.16
C GLY A 187 -5.09 -13.48 -9.00
N LYS A 188 -5.42 -14.14 -10.10
CA LYS A 188 -5.94 -15.51 -10.00
C LYS A 188 -5.63 -16.37 -11.20
N LYS A 189 -5.55 -15.75 -12.38
CA LYS A 189 -5.11 -16.46 -13.58
C LYS A 189 -3.59 -16.49 -13.65
N LEU A 190 -3.02 -17.63 -13.99
CA LEU A 190 -1.57 -17.72 -14.13
C LEU A 190 -1.17 -17.60 -15.60
N VAL A 191 -0.97 -16.36 -16.03
CA VAL A 191 -0.66 -16.03 -17.43
C VAL A 191 0.54 -16.78 -17.98
N ASP A 192 0.48 -17.13 -19.26
CA ASP A 192 1.60 -17.82 -19.94
C ASP A 192 2.83 -16.92 -19.98
N LEU A 193 3.92 -17.35 -19.33
CA LEU A 193 5.16 -16.59 -19.27
C LEU A 193 6.35 -17.55 -19.41
N PRO A 194 7.50 -17.06 -19.87
CA PRO A 194 8.68 -17.95 -19.93
C PRO A 194 9.37 -18.21 -18.58
N TYR A 195 9.47 -19.49 -18.20
CA TYR A 195 10.23 -19.88 -17.03
C TYR A 195 11.68 -20.16 -17.41
N THR A 196 12.63 -19.34 -16.97
CA THR A 196 13.97 -19.49 -17.51
C THR A 196 15.11 -19.69 -16.50
N VAL A 197 15.33 -20.95 -16.13
CA VAL A 197 16.48 -21.35 -15.32
C VAL A 197 17.51 -22.05 -16.21
N LYS A 198 18.78 -21.71 -16.05
CA LYS A 198 19.84 -22.38 -16.82
C LYS A 198 20.96 -22.80 -15.89
N GLY A 199 21.07 -24.09 -15.63
CA GLY A 199 22.04 -24.53 -14.64
C GLY A 199 21.61 -24.01 -13.28
N MET A 200 22.47 -23.24 -12.63
CA MET A 200 22.08 -22.62 -11.37
C MET A 200 21.88 -21.12 -11.50
N ASP A 201 21.93 -20.65 -12.75
CA ASP A 201 21.75 -19.24 -13.04
C ASP A 201 20.34 -19.01 -13.54
N ILE A 202 19.95 -17.74 -13.64
CA ILE A 202 18.68 -17.38 -14.28
C ILE A 202 18.76 -16.13 -15.16
N ALA A 203 17.67 -15.90 -15.88
CA ALA A 203 17.55 -14.75 -16.75
C ALA A 203 16.13 -14.15 -16.66
N PHE A 204 16.03 -12.82 -16.54
CA PHE A 204 14.74 -12.16 -16.33
C PHE A 204 14.29 -11.34 -17.53
N SER A 205 15.12 -11.28 -18.56
CA SER A 205 14.78 -10.39 -19.65
C SER A 205 13.58 -10.86 -20.47
N GLY A 206 13.55 -12.15 -20.78
CA GLY A 206 12.46 -12.69 -21.58
C GLY A 206 11.15 -12.53 -20.85
N LEU A 207 11.18 -12.94 -19.58
CA LEU A 207 10.09 -12.78 -18.65
C LEU A 207 9.55 -11.36 -18.65
N LEU A 208 10.42 -10.41 -18.34
CA LEU A 208 10.01 -9.01 -18.34
C LEU A 208 9.26 -8.69 -19.64
N THR A 209 9.87 -9.02 -20.78
CA THR A 209 9.27 -8.73 -22.09
C THR A 209 7.90 -9.41 -22.28
N ALA A 210 7.82 -10.68 -21.93
CA ALA A 210 6.54 -11.35 -22.04
C ALA A 210 5.47 -10.70 -21.13
N ALA A 211 5.87 -10.29 -19.93
CA ALA A 211 4.96 -9.59 -19.03
C ALA A 211 4.46 -8.33 -19.72
N MET A 212 5.35 -7.61 -20.39
CA MET A 212 4.99 -6.39 -21.11
C MET A 212 4.00 -6.69 -22.23
N ARG A 213 4.30 -7.72 -23.02
CA ARG A 213 3.44 -8.10 -24.14
C ARG A 213 2.08 -8.57 -23.65
N ALA A 214 2.07 -9.20 -22.48
CA ALA A 214 0.82 -9.67 -21.91
C ALA A 214 -0.03 -8.46 -21.51
N TYR A 215 0.64 -7.42 -21.02
CA TYR A 215 -0.05 -6.20 -20.65
C TYR A 215 -0.67 -5.54 -21.88
N ASP A 216 0.10 -5.51 -22.97
CA ASP A 216 -0.35 -4.94 -24.23
C ASP A 216 -1.51 -5.73 -24.83
N ALA A 217 -1.53 -7.03 -24.57
CA ALA A 217 -2.55 -7.91 -25.11
C ALA A 217 -3.85 -7.84 -24.32
N GLY A 218 -3.82 -7.07 -23.24
CA GLY A 218 -5.00 -6.90 -22.41
C GLY A 218 -5.27 -7.98 -21.37
N GLU A 219 -4.22 -8.57 -20.81
CA GLU A 219 -4.37 -9.45 -19.66
C GLU A 219 -4.59 -8.59 -18.41
N ARG A 220 -5.37 -9.09 -17.44
CA ARG A 220 -5.62 -8.33 -16.22
C ARG A 220 -4.33 -7.98 -15.45
N LEU A 221 -4.12 -6.70 -15.15
CA LEU A 221 -2.91 -6.27 -14.45
C LEU A 221 -2.61 -7.16 -13.24
N GLU A 222 -3.64 -7.45 -12.47
CA GLU A 222 -3.51 -8.29 -11.27
C GLU A 222 -2.93 -9.66 -11.60
N ASP A 223 -3.48 -10.31 -12.64
CA ASP A 223 -2.97 -11.60 -13.06
C ASP A 223 -1.52 -11.52 -13.54
N ILE A 224 -1.21 -10.49 -14.33
CA ILE A 224 0.14 -10.34 -14.80
C ILE A 224 1.09 -10.21 -13.60
N CYS A 225 0.70 -9.38 -12.62
CA CYS A 225 1.53 -9.19 -11.42
C CYS A 225 1.71 -10.48 -10.62
N TYR A 226 0.61 -11.17 -10.36
CA TYR A 226 0.69 -12.47 -9.70
C TYR A 226 1.63 -13.39 -10.46
N SER A 227 1.48 -13.46 -11.78
CA SER A 227 2.30 -14.34 -12.60
C SER A 227 3.77 -13.94 -12.58
N LEU A 228 4.04 -12.66 -12.84
CA LEU A 228 5.39 -12.14 -12.76
C LEU A 228 6.09 -12.63 -11.50
N GLN A 229 5.41 -12.47 -10.37
CA GLN A 229 5.99 -12.84 -9.08
C GLN A 229 6.17 -14.34 -8.93
N GLU A 230 5.12 -15.12 -9.14
CA GLU A 230 5.22 -16.56 -9.07
C GLU A 230 6.39 -17.12 -9.90
N TYR A 231 6.54 -16.64 -11.12
CA TYR A 231 7.59 -17.15 -12.01
C TYR A 231 8.98 -16.77 -11.52
N ALA A 232 9.16 -15.48 -11.29
CA ALA A 232 10.45 -14.95 -10.89
C ALA A 232 10.85 -15.58 -9.57
N PHE A 233 9.91 -15.63 -8.62
CA PHE A 233 10.24 -16.13 -7.29
C PHE A 233 10.48 -17.62 -7.29
N SER A 234 9.72 -18.36 -8.10
CA SER A 234 9.96 -19.79 -8.28
C SER A 234 11.34 -20.04 -8.89
N MET A 235 11.67 -19.28 -9.94
CA MET A 235 12.96 -19.42 -10.56
C MET A 235 14.04 -19.21 -9.51
N LEU A 236 13.84 -18.23 -8.65
CA LEU A 236 14.85 -17.89 -7.64
C LEU A 236 14.90 -18.94 -6.54
N THR A 237 13.74 -19.53 -6.24
CA THR A 237 13.69 -20.56 -5.21
C THR A 237 14.32 -21.84 -5.76
N GLU A 238 14.13 -22.08 -7.05
CA GLU A 238 14.72 -23.25 -7.68
C GLU A 238 16.25 -23.22 -7.65
N ILE A 239 16.85 -22.14 -8.10
CA ILE A 239 18.30 -22.11 -8.14
C ILE A 239 18.91 -22.14 -6.76
N THR A 240 18.18 -21.62 -5.77
CA THR A 240 18.61 -21.68 -4.38
C THR A 240 18.48 -23.13 -3.91
N GLU A 241 17.38 -23.79 -4.25
CA GLU A 241 17.25 -25.20 -3.99
C GLU A 241 18.41 -25.99 -4.61
N ARG A 242 18.73 -25.72 -5.88
CA ARG A 242 19.82 -26.44 -6.55
C ARG A 242 21.15 -26.13 -5.88
N ALA A 243 21.35 -24.88 -5.49
CA ALA A 243 22.60 -24.50 -4.85
C ALA A 243 22.76 -25.19 -3.50
N LEU A 244 21.61 -25.42 -2.86
CA LEU A 244 21.57 -25.99 -1.52
C LEU A 244 22.03 -27.44 -1.56
N ALA A 245 21.46 -28.19 -2.50
CA ALA A 245 21.85 -29.58 -2.69
C ALA A 245 23.31 -29.67 -3.17
N HIS A 246 23.88 -28.53 -3.55
CA HIS A 246 25.16 -28.49 -4.24
C HIS A 246 26.32 -28.05 -3.35
N THR A 247 26.02 -27.29 -2.31
CA THR A 247 27.03 -26.77 -1.40
C THR A 247 26.93 -27.50 -0.07
N ASN A 248 25.93 -28.36 0.03
CA ASN A 248 25.64 -29.07 1.27
C ASN A 248 25.75 -28.13 2.48
N LYS A 249 24.80 -27.20 2.56
CA LYS A 249 24.69 -26.30 3.69
C LYS A 249 23.37 -26.62 4.37
N GLY A 250 23.20 -26.17 5.61
CA GLY A 250 22.04 -26.57 6.38
C GLY A 250 21.12 -25.42 6.76
N GLU A 251 21.35 -24.28 6.12
CA GLU A 251 20.55 -23.10 6.38
C GLU A 251 20.62 -22.18 5.17
N VAL A 252 19.54 -21.44 4.95
CA VAL A 252 19.48 -20.49 3.85
C VAL A 252 19.19 -19.10 4.42
N MET A 253 19.90 -18.09 3.93
CA MET A 253 19.63 -16.72 4.36
C MET A 253 19.25 -15.84 3.17
N LEU A 254 18.10 -15.18 3.29
CA LEU A 254 17.62 -14.28 2.25
C LEU A 254 18.01 -12.87 2.65
N VAL A 255 18.47 -12.10 1.67
CA VAL A 255 19.11 -10.81 1.92
C VAL A 255 18.88 -9.86 0.75
N GLY A 256 18.71 -8.58 1.06
CA GLY A 256 18.53 -7.57 0.03
C GLY A 256 17.16 -6.91 0.04
N GLY A 257 17.08 -5.74 -0.57
CA GLY A 257 15.85 -4.99 -0.63
C GLY A 257 14.64 -5.78 -1.08
N VAL A 258 14.85 -6.76 -1.95
CA VAL A 258 13.73 -7.50 -2.50
C VAL A 258 13.20 -8.50 -1.45
N ALA A 259 14.04 -8.83 -0.48
CA ALA A 259 13.63 -9.69 0.64
C ALA A 259 12.40 -9.12 1.33
N ALA A 260 12.12 -7.85 1.12
CA ALA A 260 10.94 -7.20 1.69
C ALA A 260 9.63 -7.83 1.21
N ASN A 261 9.68 -8.49 0.05
CA ASN A 261 8.48 -9.05 -0.54
C ASN A 261 8.02 -10.28 0.22
N ASN A 262 6.86 -10.19 0.88
CA ASN A 262 6.35 -11.30 1.69
C ASN A 262 6.25 -12.62 0.92
N ARG A 263 5.67 -12.56 -0.28
CA ARG A 263 5.48 -13.73 -1.12
C ARG A 263 6.79 -14.46 -1.33
N LEU A 264 7.78 -13.73 -1.81
CA LEU A 264 9.11 -14.30 -1.95
C LEU A 264 9.58 -14.91 -0.64
N ARG A 265 9.40 -14.20 0.48
CA ARG A 265 9.77 -14.78 1.77
C ARG A 265 9.08 -16.10 2.08
N GLU A 266 7.80 -16.20 1.75
CA GLU A 266 7.06 -17.40 2.14
C GLU A 266 7.34 -18.58 1.22
N MET A 267 7.42 -18.32 -0.09
CA MET A 267 7.81 -19.37 -1.03
C MET A 267 9.18 -19.91 -0.66
N LEU A 268 10.08 -19.02 -0.26
CA LEU A 268 11.42 -19.40 0.16
C LEU A 268 11.41 -20.20 1.47
N LYS A 269 10.54 -19.85 2.42
CA LYS A 269 10.45 -20.66 3.63
C LYS A 269 9.86 -22.05 3.38
N ALA A 270 8.86 -22.14 2.52
CA ALA A 270 8.31 -23.45 2.21
C ALA A 270 9.45 -24.31 1.70
N MET A 271 10.19 -23.78 0.73
CA MET A 271 11.25 -24.57 0.12
C MET A 271 12.20 -25.11 1.19
N CYS A 272 12.64 -24.23 2.10
CA CYS A 272 13.58 -24.64 3.15
C CYS A 272 12.94 -25.66 4.09
N GLU A 273 11.64 -25.52 4.36
CA GLU A 273 10.94 -26.47 5.21
C GLU A 273 10.85 -27.83 4.55
N GLY A 274 10.66 -27.83 3.23
CA GLY A 274 10.66 -29.05 2.46
C GLY A 274 11.98 -29.79 2.58
N GLN A 275 13.09 -29.06 2.52
CA GLN A 275 14.42 -29.66 2.55
C GLN A 275 15.00 -29.75 3.96
N ASN A 276 14.15 -29.51 4.95
CA ASN A 276 14.53 -29.47 6.37
C ASN A 276 15.80 -28.67 6.68
N VAL A 277 15.84 -27.44 6.19
CA VAL A 277 16.92 -26.53 6.49
C VAL A 277 16.36 -25.27 7.15
N ASP A 278 17.24 -24.54 7.82
CA ASP A 278 16.83 -23.31 8.49
C ASP A 278 16.78 -22.16 7.51
N PHE A 279 15.94 -21.19 7.81
CA PHE A 279 15.72 -20.05 6.95
C PHE A 279 15.71 -18.76 7.75
N TYR A 280 16.68 -17.89 7.46
CA TYR A 280 16.86 -16.64 8.18
C TYR A 280 16.74 -15.41 7.29
N VAL A 281 16.18 -14.31 7.83
CA VAL A 281 16.22 -13.01 7.18
C VAL A 281 16.61 -11.91 8.17
N PRO A 282 17.60 -11.08 7.82
CA PRO A 282 17.94 -10.03 8.77
C PRO A 282 16.76 -9.07 8.94
N PRO A 283 16.79 -8.26 10.02
CA PRO A 283 15.78 -7.23 10.21
C PRO A 283 15.84 -6.21 9.10
N LYS A 284 14.72 -5.58 8.77
CA LYS A 284 14.65 -4.62 7.68
C LYS A 284 15.91 -3.77 7.51
N GLU A 285 16.42 -3.22 8.59
CA GLU A 285 17.48 -2.19 8.55
C GLU A 285 18.86 -2.74 8.22
N PHE A 286 18.97 -4.06 8.21
CA PHE A 286 20.22 -4.71 7.85
C PHE A 286 20.00 -5.58 6.66
N CYS A 287 18.76 -5.62 6.19
CA CYS A 287 18.40 -6.41 5.03
C CYS A 287 18.67 -5.68 3.71
N GLY A 288 18.21 -4.44 3.61
CA GLY A 288 18.45 -3.65 2.41
C GLY A 288 19.80 -3.00 2.56
N ASP A 289 20.23 -2.30 1.52
CA ASP A 289 21.50 -1.57 1.57
C ASP A 289 21.56 -0.69 2.82
N ASN A 290 22.68 -0.77 3.55
CA ASN A 290 22.86 0.04 4.74
C ASN A 290 24.34 0.19 5.07
N GLY A 291 24.68 1.21 5.86
CA GLY A 291 26.06 1.50 6.20
C GLY A 291 26.65 0.63 7.30
N ALA A 292 25.80 0.09 8.14
CA ALA A 292 26.27 -0.71 9.27
C ALA A 292 27.03 -1.95 8.79
N MET A 293 26.55 -2.55 7.72
CA MET A 293 27.16 -3.76 7.22
C MET A 293 28.54 -3.46 6.66
N ILE A 294 28.68 -2.32 6.00
CA ILE A 294 29.98 -1.88 5.53
C ILE A 294 30.96 -1.77 6.69
N ALA A 295 30.51 -1.09 7.76
CA ALA A 295 31.33 -0.93 8.95
C ALA A 295 31.73 -2.27 9.58
N TRP A 296 30.76 -3.15 9.78
CA TRP A 296 31.04 -4.39 10.48
C TRP A 296 32.04 -5.24 9.72
N LEU A 297 31.91 -5.28 8.40
CA LEU A 297 32.84 -6.06 7.58
C LEU A 297 34.17 -5.36 7.60
N GLY A 298 34.15 -4.04 7.52
CA GLY A 298 35.36 -3.24 7.68
C GLY A 298 36.17 -3.69 8.88
N LEU A 299 35.50 -3.76 10.04
CA LEU A 299 36.10 -4.22 11.29
C LEU A 299 36.65 -5.62 11.18
N LEU A 300 35.82 -6.55 10.70
CA LEU A 300 36.23 -7.92 10.50
C LEU A 300 37.60 -8.05 9.83
N MET A 301 37.84 -7.28 8.79
CA MET A 301 39.06 -7.44 8.00
C MET A 301 40.25 -6.74 8.63
N HIS A 302 39.97 -5.63 9.29
CA HIS A 302 41.01 -4.81 9.87
C HIS A 302 41.37 -5.35 11.25
N LYS A 303 40.35 -5.82 11.96
CA LYS A 303 40.51 -6.47 13.25
C LYS A 303 41.40 -7.67 13.04
N ASN A 304 41.33 -8.25 11.85
CA ASN A 304 42.17 -9.39 11.51
C ASN A 304 43.40 -8.96 10.72
N GLY A 305 43.68 -7.67 10.77
CA GLY A 305 44.92 -7.13 10.28
C GLY A 305 45.01 -7.09 8.78
N ARG A 306 44.42 -6.06 8.18
CA ARG A 306 44.63 -5.77 6.77
C ARG A 306 44.40 -4.28 6.53
N TRP A 307 45.28 -3.70 5.72
CA TRP A 307 45.37 -2.26 5.55
C TRP A 307 45.06 -1.84 4.12
N MET A 308 44.88 -0.54 3.92
CA MET A 308 44.71 -0.02 2.59
C MET A 308 45.34 1.34 2.42
N SER A 309 46.26 1.42 1.47
CA SER A 309 46.79 2.69 1.03
C SER A 309 45.66 3.38 0.27
N LEU A 310 45.65 4.71 0.32
CA LEU A 310 44.66 5.45 -0.44
C LEU A 310 44.61 5.02 -1.91
N ASP A 311 45.72 4.52 -2.45
CA ASP A 311 45.74 4.07 -3.85
C ASP A 311 45.10 2.70 -4.05
N GLU A 312 44.98 1.95 -2.96
CA GLU A 312 44.25 0.68 -2.98
C GLU A 312 42.75 0.87 -2.78
N THR A 313 42.31 2.10 -2.55
CA THR A 313 40.89 2.36 -2.38
C THR A 313 40.22 2.77 -3.67
N LYS A 314 40.68 2.24 -4.80
CA LYS A 314 40.03 2.49 -6.08
C LYS A 314 38.77 1.65 -6.17
N ILE A 315 37.70 2.23 -6.70
CA ILE A 315 36.43 1.50 -6.75
C ILE A 315 36.47 0.37 -7.78
N ILE A 316 35.84 -0.76 -7.45
CA ILE A 316 35.80 -1.92 -8.33
C ILE A 316 34.37 -2.18 -8.71
N PRO A 317 33.89 -1.56 -9.80
CA PRO A 317 32.48 -1.71 -10.21
C PRO A 317 32.02 -3.16 -10.33
N ASN A 318 32.91 -4.06 -10.74
CA ASN A 318 32.49 -5.44 -10.88
C ASN A 318 33.23 -6.36 -9.89
N TYR A 319 33.43 -5.85 -8.67
CA TYR A 319 34.06 -6.59 -7.59
C TYR A 319 33.37 -7.93 -7.45
N ARG A 320 34.10 -9.02 -7.72
CA ARG A 320 33.53 -10.35 -7.59
C ARG A 320 33.79 -10.80 -6.19
N THR A 321 33.03 -11.78 -5.75
CA THR A 321 33.11 -12.24 -4.39
C THR A 321 34.40 -13.06 -4.18
N ASP A 322 34.73 -13.90 -5.19
CA ASP A 322 36.01 -14.61 -5.30
C ASP A 322 37.23 -13.76 -4.98
N MET A 323 37.19 -12.52 -5.44
CA MET A 323 38.34 -11.64 -5.35
C MET A 323 38.65 -11.20 -3.91
N VAL A 324 37.83 -11.63 -2.96
CA VAL A 324 38.05 -11.18 -1.58
C VAL A 324 38.70 -12.23 -0.70
N GLU A 325 39.93 -11.93 -0.28
CA GLU A 325 40.65 -12.77 0.66
C GLU A 325 39.88 -12.82 1.97
N VAL A 326 39.37 -13.99 2.33
CA VAL A 326 38.68 -14.11 3.61
C VAL A 326 39.68 -14.34 4.72
N ASN A 327 39.56 -13.60 5.82
CA ASN A 327 40.52 -13.68 6.91
C ASN A 327 39.91 -13.62 8.29
N TRP A 328 38.59 -13.74 8.37
CA TRP A 328 37.87 -13.54 9.62
C TRP A 328 37.03 -14.73 10.04
N ILE A 329 37.19 -15.86 9.36
CA ILE A 329 36.37 -17.04 9.70
C ILE A 329 37.04 -18.05 10.66
N ALA A 348 17.05 -31.57 -4.49
CA ALA A 348 17.01 -32.47 -5.64
C ALA A 348 15.64 -32.44 -6.33
N GLU A 349 15.67 -32.30 -7.66
CA GLU A 349 14.46 -32.20 -8.47
C GLU A 349 13.90 -33.56 -8.88
N ALA A 350 14.75 -34.56 -8.98
CA ALA A 350 14.33 -35.87 -9.46
C ALA A 350 14.71 -37.04 -8.57
N ASP A 351 13.70 -37.75 -8.08
CA ASP A 351 13.90 -39.05 -7.46
C ASP A 351 14.23 -40.10 -8.53
N ILE A 352 15.37 -40.76 -8.40
CA ILE A 352 15.70 -41.86 -9.32
C ILE A 352 15.76 -43.22 -8.60
N LYS A 353 15.15 -44.24 -9.19
CA LYS A 353 15.16 -45.58 -8.61
C LYS A 353 15.62 -46.63 -9.63
N ARG A 354 16.39 -47.61 -9.16
CA ARG A 354 16.94 -48.66 -10.01
C ARG A 354 16.22 -50.00 -9.79
N ASP A 355 15.61 -50.52 -10.85
CA ASP A 355 14.91 -51.80 -10.82
C ASP A 355 15.77 -52.82 -11.57
N SER A 356 15.83 -54.04 -11.06
CA SER A 356 16.63 -55.09 -11.71
C SER A 356 15.86 -56.38 -11.96
N TYR A 357 16.13 -56.99 -13.11
CA TYR A 357 15.85 -58.42 -13.27
C TYR A 357 17.18 -59.12 -13.01
N LEU A 358 17.29 -60.40 -13.33
CA LEU A 358 18.53 -61.09 -12.99
C LEU A 358 19.69 -60.74 -13.94
N ASP A 359 19.45 -59.84 -14.89
CA ASP A 359 20.51 -59.41 -15.81
C ASP A 359 20.20 -58.10 -16.56
N PHE A 360 18.93 -57.75 -16.64
CA PHE A 360 18.49 -56.47 -17.24
C PHE A 360 18.33 -55.38 -16.17
N ASP A 361 18.65 -54.13 -16.52
CA ASP A 361 18.52 -53.04 -15.57
C ASP A 361 17.84 -51.80 -16.14
N VAL A 362 16.86 -51.27 -15.41
CA VAL A 362 16.17 -50.04 -15.79
C VAL A 362 16.20 -49.01 -14.65
N ILE A 363 16.22 -47.73 -14.98
CA ILE A 363 15.97 -46.73 -13.95
C ILE A 363 14.73 -45.91 -14.25
N ILE A 364 13.98 -45.57 -13.21
CA ILE A 364 12.84 -44.68 -13.39
C ILE A 364 13.16 -43.35 -12.71
N LYS A 365 12.96 -42.26 -13.45
CA LYS A 365 13.26 -40.92 -13.00
C LYS A 365 11.98 -40.17 -12.76
N GLU A 366 11.67 -39.84 -11.52
CA GLU A 366 10.45 -39.10 -11.24
C GLU A 366 10.69 -37.66 -10.82
N ARG A 367 10.19 -36.72 -11.60
CA ARG A 367 10.28 -35.31 -11.19
C ARG A 367 9.20 -35.02 -10.15
N VAL A 368 9.64 -34.98 -8.90
CA VAL A 368 8.74 -34.86 -7.77
C VAL A 368 8.20 -33.43 -7.61
N LYS A 369 7.06 -33.31 -6.94
CA LYS A 369 6.40 -32.02 -6.84
C LYS A 369 7.09 -31.10 -5.85
N LYS A 370 7.04 -29.81 -6.15
CA LYS A 370 7.63 -28.80 -5.30
C LYS A 370 6.49 -28.04 -4.64
N GLY A 371 6.39 -28.21 -3.33
CA GLY A 371 5.28 -27.65 -2.59
C GLY A 371 5.30 -26.14 -2.59
N TYR A 372 6.50 -25.57 -2.63
CA TYR A 372 6.63 -24.12 -2.57
C TYR A 372 6.00 -23.37 -3.75
N ARG A 373 5.87 -24.00 -4.90
CA ARG A 373 5.29 -23.28 -6.03
C ARG A 373 3.80 -23.52 -6.26
N ASP A 374 3.16 -22.57 -6.94
CA ASP A 374 1.78 -22.67 -7.37
C ASP A 374 1.59 -24.00 -8.11
N GLU A 375 0.68 -24.83 -7.63
CA GLU A 375 0.49 -26.14 -8.23
C GLU A 375 0.34 -26.10 -9.76
N ARG A 376 -0.32 -25.08 -10.30
CA ARG A 376 -0.43 -24.95 -11.75
C ARG A 376 0.95 -24.90 -12.43
N LEU A 377 1.83 -24.02 -11.96
CA LEU A 377 3.20 -23.95 -12.44
C LEU A 377 3.89 -25.31 -12.28
N ASP A 378 3.78 -25.87 -11.07
CA ASP A 378 4.47 -27.09 -10.70
C ASP A 378 4.12 -28.21 -11.68
N GLU A 379 2.86 -28.22 -12.08
CA GLU A 379 2.36 -29.20 -13.02
C GLU A 379 3.00 -29.00 -14.40
N ASN A 380 3.15 -27.75 -14.82
CA ASN A 380 3.74 -27.52 -16.13
C ASN A 380 5.23 -27.75 -16.15
N ILE A 381 5.89 -27.39 -15.06
CA ILE A 381 7.33 -27.57 -15.01
C ILE A 381 7.71 -29.05 -15.00
N ARG A 382 6.97 -29.85 -14.24
CA ARG A 382 7.30 -31.26 -14.15
C ARG A 382 6.96 -32.03 -15.43
N LYS A 383 5.82 -31.71 -16.03
CA LYS A 383 5.38 -32.44 -17.22
C LYS A 383 6.25 -32.09 -18.42
N SER A 384 6.42 -30.81 -18.68
CA SER A 384 7.16 -30.37 -19.85
C SER A 384 8.64 -30.79 -19.82
N ARG A 385 9.31 -30.61 -18.69
CA ARG A 385 10.68 -31.08 -18.55
C ARG A 385 10.78 -32.59 -18.77
N THR A 386 9.86 -33.34 -18.16
CA THR A 386 9.82 -34.78 -18.38
C THR A 386 9.64 -35.12 -19.87
N ALA A 387 8.71 -34.46 -20.54
CA ALA A 387 8.45 -34.77 -21.94
C ALA A 387 9.65 -34.37 -22.79
N ARG A 388 10.13 -33.15 -22.58
CA ARG A 388 11.33 -32.65 -23.25
C ARG A 388 12.45 -33.64 -23.08
N GLU A 389 12.73 -34.01 -21.84
CA GLU A 389 13.89 -34.83 -21.54
C GLU A 389 13.83 -36.14 -22.33
N ALA A 390 12.69 -36.83 -22.22
CA ALA A 390 12.47 -38.06 -22.97
C ALA A 390 12.70 -37.84 -24.46
N ARG A 391 12.08 -36.79 -24.98
CA ARG A 391 12.14 -36.53 -26.40
C ARG A 391 13.59 -36.24 -26.79
N TYR A 392 14.29 -35.45 -25.97
CA TYR A 392 15.68 -35.07 -26.28
C TYR A 392 16.70 -36.18 -26.09
N LEU A 393 16.59 -36.96 -25.03
CA LEU A 393 17.54 -38.05 -24.84
C LEU A 393 17.45 -39.01 -26.02
N ALA A 394 16.27 -39.14 -26.61
CA ALA A 394 16.13 -39.98 -27.79
C ALA A 394 16.80 -39.32 -28.98
N LEU A 395 16.38 -38.11 -29.28
CA LEU A 395 16.78 -37.40 -30.49
C LEU A 395 18.30 -37.31 -30.68
N VAL A 396 19.05 -37.37 -29.58
CA VAL A 396 20.46 -37.00 -29.57
C VAL A 396 21.44 -38.12 -29.98
N LYS A 397 20.96 -39.36 -29.98
CA LYS A 397 21.76 -40.46 -30.51
C LYS A 397 21.91 -40.30 -32.02
N ASP A 398 20.98 -39.58 -32.64
CA ASP A 398 21.07 -39.29 -34.06
C ASP A 398 22.34 -38.49 -34.37
N PHE A 399 22.97 -37.93 -33.34
CA PHE A 399 24.14 -37.07 -33.53
C PHE A 399 25.44 -37.75 -33.10
N GLY A 400 25.33 -38.99 -32.64
CA GLY A 400 26.48 -39.72 -32.13
C GLY A 400 26.84 -39.33 -30.70
N ILE A 401 25.83 -39.22 -29.85
CA ILE A 401 26.02 -38.84 -28.46
C ILE A 401 25.44 -39.87 -27.51
N PRO A 402 26.31 -40.56 -26.75
CA PRO A 402 25.81 -41.60 -25.84
C PRO A 402 24.81 -41.00 -24.84
N ALA A 403 23.74 -41.73 -24.58
CA ALA A 403 22.73 -41.30 -23.64
C ALA A 403 22.04 -42.53 -23.19
N PRO A 404 21.17 -42.43 -22.18
CA PRO A 404 20.35 -43.61 -21.86
C PRO A 404 19.36 -43.89 -22.99
N TYR A 405 18.96 -45.15 -23.16
CA TYR A 405 17.87 -45.45 -24.09
C TYR A 405 16.57 -45.17 -23.37
N ILE A 406 15.58 -44.65 -24.08
CA ILE A 406 14.28 -44.38 -23.45
C ILE A 406 13.31 -45.54 -23.69
N PHE A 407 12.96 -46.24 -22.62
CA PHE A 407 12.08 -47.39 -22.71
C PHE A 407 10.63 -46.95 -22.81
N ASP A 408 10.13 -46.33 -21.74
CA ASP A 408 8.79 -45.76 -21.75
C ASP A 408 8.76 -44.41 -21.03
N VAL A 409 7.57 -43.82 -20.97
CA VAL A 409 7.36 -42.55 -20.30
C VAL A 409 5.96 -42.55 -19.77
N ASP A 410 5.77 -41.94 -18.61
CA ASP A 410 4.47 -41.79 -18.00
C ASP A 410 4.31 -40.34 -17.56
N LEU A 411 3.90 -39.49 -18.50
CA LEU A 411 3.79 -38.06 -18.27
C LEU A 411 2.82 -37.72 -17.17
N ASP A 412 1.80 -38.53 -16.95
CA ASP A 412 0.87 -38.20 -15.90
C ASP A 412 1.60 -38.21 -14.59
N ASN A 413 2.41 -39.23 -14.37
CA ASN A 413 3.14 -39.31 -13.11
C ASN A 413 4.51 -38.64 -13.13
N LYS A 414 4.85 -38.04 -14.27
CA LYS A 414 6.15 -37.36 -14.44
C LYS A 414 7.34 -38.33 -14.36
N ARG A 415 7.21 -39.50 -15.00
CA ARG A 415 8.21 -40.53 -14.88
C ARG A 415 8.85 -40.87 -16.22
N ILE A 416 10.06 -41.42 -16.16
CA ILE A 416 10.71 -41.96 -17.33
C ILE A 416 11.35 -43.29 -16.98
N MET A 417 11.15 -44.29 -17.83
CA MET A 417 11.85 -45.56 -17.69
C MET A 417 12.99 -45.52 -18.71
N MET A 418 14.23 -45.50 -18.23
CA MET A 418 15.38 -45.45 -19.13
C MET A 418 16.40 -46.52 -18.82
N SER A 419 17.33 -46.70 -19.75
CA SER A 419 18.41 -47.65 -19.56
C SER A 419 19.37 -47.18 -18.46
N TYR A 420 20.14 -48.10 -17.90
CA TYR A 420 21.01 -47.85 -16.77
C TYR A 420 22.46 -47.73 -17.19
N ILE A 421 23.06 -46.57 -16.94
CA ILE A 421 24.49 -46.41 -17.18
C ILE A 421 25.24 -46.52 -15.86
N ASN A 422 26.04 -47.58 -15.70
CA ASN A 422 26.89 -47.73 -14.53
C ASN A 422 28.21 -46.98 -14.66
N GLY A 423 28.43 -46.01 -13.80
CA GLY A 423 29.66 -45.22 -13.84
C GLY A 423 29.57 -44.07 -12.86
N LYS A 424 30.67 -43.35 -12.69
CA LYS A 424 30.71 -42.23 -11.77
C LYS A 424 30.29 -40.93 -12.48
N LEU A 425 29.86 -39.93 -11.70
CA LEU A 425 29.48 -38.63 -12.28
C LEU A 425 30.70 -37.86 -12.75
N ALA A 426 30.54 -37.07 -13.81
CA ALA A 426 31.65 -36.32 -14.34
C ALA A 426 32.24 -35.44 -13.24
N LYS A 427 31.35 -34.79 -12.50
CA LYS A 427 31.68 -33.98 -11.33
C LYS A 427 32.63 -34.70 -10.37
N ASP A 428 32.60 -36.03 -10.37
CA ASP A 428 33.35 -36.81 -9.39
C ASP A 428 34.67 -37.37 -9.91
N VAL A 429 34.86 -37.38 -11.22
CA VAL A 429 36.08 -37.95 -11.80
C VAL A 429 36.82 -37.01 -12.77
N ILE A 430 36.25 -35.83 -13.02
CA ILE A 430 36.80 -34.94 -14.03
C ILE A 430 38.15 -34.31 -13.65
N GLU A 431 38.32 -34.00 -12.37
CA GLU A 431 39.55 -33.36 -11.93
C GLU A 431 40.76 -34.28 -11.94
N ASP A 432 40.54 -35.58 -11.74
CA ASP A 432 41.65 -36.52 -11.74
C ASP A 432 41.78 -37.22 -13.09
N ASN A 433 41.02 -36.70 -14.06
CA ASN A 433 41.04 -37.19 -15.43
C ASN A 433 40.48 -36.14 -16.38
N LEU A 434 41.28 -35.11 -16.67
CA LEU A 434 40.79 -33.93 -17.39
C LEU A 434 40.39 -34.21 -18.85
N ASP A 435 40.79 -35.37 -19.36
CA ASP A 435 40.39 -35.80 -20.69
C ASP A 435 38.87 -35.72 -20.86
N ILE A 436 38.11 -36.06 -19.82
CA ILE A 436 36.66 -36.10 -19.92
C ILE A 436 36.01 -34.70 -20.03
N ALA A 437 36.79 -33.65 -19.84
CA ALA A 437 36.34 -32.29 -20.15
C ALA A 437 36.25 -32.12 -21.67
N TYR A 438 37.11 -32.85 -22.38
CA TYR A 438 37.14 -32.82 -23.83
C TYR A 438 35.87 -33.42 -24.41
N LYS A 439 35.52 -34.63 -23.94
CA LYS A 439 34.32 -35.32 -24.39
C LYS A 439 33.06 -34.48 -24.17
N ILE A 440 33.00 -33.75 -23.06
CA ILE A 440 31.85 -32.90 -22.79
C ILE A 440 31.72 -31.86 -23.89
N GLY A 441 32.86 -31.29 -24.28
CA GLY A 441 32.93 -30.35 -25.37
C GLY A 441 32.55 -30.94 -26.71
N GLU A 442 32.94 -32.19 -26.94
CA GLU A 442 32.53 -32.84 -28.18
C GLU A 442 31.01 -32.90 -28.27
N ILE A 443 30.36 -33.39 -27.22
CA ILE A 443 28.92 -33.54 -27.30
C ILE A 443 28.16 -32.21 -27.26
N VAL A 444 28.77 -31.16 -26.73
CA VAL A 444 28.13 -29.85 -26.78
C VAL A 444 28.25 -29.29 -28.19
N GLY A 445 29.43 -29.44 -28.78
CA GLY A 445 29.64 -29.05 -30.17
C GLY A 445 28.69 -29.74 -31.12
N LYS A 446 28.53 -31.05 -30.94
CA LYS A 446 27.57 -31.80 -31.74
C LYS A 446 26.15 -31.27 -31.50
N LEU A 447 25.87 -30.83 -30.28
CA LEU A 447 24.57 -30.29 -29.97
C LEU A 447 24.31 -29.02 -30.76
N HIS A 448 25.23 -28.05 -30.67
CA HIS A 448 25.06 -26.77 -31.34
C HIS A 448 25.21 -26.82 -32.85
N LYS A 449 25.96 -27.82 -33.34
CA LYS A 449 26.07 -28.05 -34.77
C LYS A 449 24.68 -28.42 -35.30
N ASN A 450 23.84 -28.98 -34.42
CA ASN A 450 22.51 -29.44 -34.78
C ASN A 450 21.35 -28.58 -34.24
N ASP A 451 21.67 -27.41 -33.69
CA ASP A 451 20.65 -26.46 -33.22
C ASP A 451 19.95 -26.81 -31.90
N VAL A 452 20.50 -27.73 -31.14
CA VAL A 452 19.91 -28.04 -29.84
C VAL A 452 20.66 -27.36 -28.68
N ILE A 453 19.93 -26.51 -27.98
CA ILE A 453 20.44 -25.82 -26.82
C ILE A 453 20.15 -26.68 -25.60
N HIS A 454 21.20 -27.07 -24.89
CA HIS A 454 21.02 -27.81 -23.65
C HIS A 454 21.21 -26.83 -22.52
N ASN A 455 20.15 -26.38 -21.88
CA ASN A 455 20.32 -25.23 -20.98
C ASN A 455 20.74 -25.54 -19.53
N ASP A 456 21.45 -26.65 -19.34
CA ASP A 456 21.84 -27.09 -18.01
C ASP A 456 23.18 -27.85 -18.06
N LEU A 457 24.16 -27.30 -18.77
CA LEU A 457 25.46 -27.95 -18.89
C LEU A 457 26.26 -27.85 -17.60
N THR A 458 26.31 -28.95 -16.87
CA THR A 458 27.18 -29.06 -15.70
C THR A 458 27.81 -30.46 -15.67
N THR A 459 28.66 -30.70 -14.70
CA THR A 459 29.39 -31.94 -14.64
C THR A 459 28.61 -32.92 -13.79
N SER A 460 27.45 -32.48 -13.32
CA SER A 460 26.56 -33.37 -12.59
C SER A 460 25.63 -34.09 -13.58
N ASN A 461 25.65 -33.64 -14.83
CA ASN A 461 24.71 -34.13 -15.83
C ASN A 461 25.35 -35.03 -16.89
N PHE A 462 26.60 -35.43 -16.67
CA PHE A 462 27.18 -36.51 -17.47
C PHE A 462 27.70 -37.64 -16.60
N ILE A 463 27.55 -38.86 -17.10
CA ILE A 463 28.11 -40.02 -16.42
C ILE A 463 29.26 -40.59 -17.25
N PHE A 464 30.38 -40.87 -16.60
CA PHE A 464 31.53 -41.42 -17.32
C PHE A 464 31.75 -42.92 -17.08
N ASP A 465 31.81 -43.69 -18.16
CA ASP A 465 32.08 -45.12 -18.11
C ASP A 465 33.30 -45.47 -18.97
N LYS A 466 33.05 -45.89 -20.21
CA LYS A 466 34.11 -45.95 -21.20
C LYS A 466 34.01 -44.67 -22.04
N ASP A 467 32.86 -44.47 -22.66
CA ASP A 467 32.56 -43.19 -23.29
C ASP A 467 31.93 -42.30 -22.22
N LEU A 468 31.52 -41.11 -22.62
CA LEU A 468 30.85 -40.21 -21.70
C LEU A 468 29.37 -40.06 -22.09
N TYR A 469 28.49 -40.12 -21.09
CA TYR A 469 27.06 -40.14 -21.33
C TYR A 469 26.39 -38.88 -20.81
N ILE A 470 25.45 -38.34 -21.59
CA ILE A 470 24.65 -37.23 -21.09
C ILE A 470 23.33 -37.77 -20.51
N ILE A 471 22.89 -37.22 -19.39
CA ILE A 471 21.83 -37.88 -18.65
C ILE A 471 20.69 -36.96 -18.17
N ASP A 472 20.83 -35.68 -18.48
CA ASP A 472 19.78 -34.69 -18.26
C ASP A 472 19.49 -33.99 -19.57
N PHE A 473 18.22 -33.68 -19.80
CA PHE A 473 17.86 -32.83 -20.93
C PHE A 473 16.54 -32.09 -20.70
N GLY A 474 16.17 -31.95 -19.44
CA GLY A 474 14.91 -31.31 -19.12
C GLY A 474 14.73 -29.86 -19.52
N LEU A 475 15.80 -29.16 -19.83
CA LEU A 475 15.68 -27.75 -20.18
C LEU A 475 16.03 -27.48 -21.63
N GLY A 476 15.98 -28.51 -22.45
CA GLY A 476 16.37 -28.40 -23.85
C GLY A 476 15.54 -27.41 -24.64
N LYS A 477 16.08 -27.02 -25.79
CA LYS A 477 15.37 -26.15 -26.71
C LYS A 477 16.04 -26.21 -28.07
N ILE A 478 15.24 -26.22 -29.13
CA ILE A 478 15.78 -26.05 -30.48
C ILE A 478 15.96 -24.55 -30.77
N SER A 479 17.13 -24.20 -31.30
CA SER A 479 17.38 -22.81 -31.63
C SER A 479 18.57 -22.68 -32.56
N ASN A 480 18.50 -21.75 -33.50
CA ASN A 480 19.64 -21.51 -34.38
C ASN A 480 20.37 -20.22 -34.02
N LEU A 481 19.80 -19.48 -33.07
CA LEU A 481 20.40 -18.26 -32.54
C LEU A 481 21.77 -18.49 -31.89
N ASP A 482 22.70 -17.59 -32.17
CA ASP A 482 24.03 -17.68 -31.59
C ASP A 482 24.04 -17.28 -30.11
N GLU A 483 23.21 -16.28 -29.77
CA GLU A 483 23.10 -15.83 -28.37
C GLU A 483 22.79 -17.02 -27.46
N ASP A 484 21.97 -17.94 -27.96
CA ASP A 484 21.56 -19.10 -27.19
C ASP A 484 22.68 -20.09 -27.08
N LYS A 485 23.50 -20.22 -28.13
CA LYS A 485 24.63 -21.11 -28.04
C LYS A 485 25.66 -20.50 -27.10
N ALA A 486 25.82 -19.19 -27.21
CA ALA A 486 26.76 -18.45 -26.39
C ALA A 486 26.44 -18.62 -24.89
N VAL A 487 25.19 -18.31 -24.53
CA VAL A 487 24.71 -18.51 -23.17
C VAL A 487 24.92 -19.95 -22.73
N ASP A 488 24.75 -20.88 -23.66
CA ASP A 488 24.92 -22.26 -23.29
C ASP A 488 26.32 -22.40 -22.74
N LEU A 489 27.30 -21.89 -23.47
CA LEU A 489 28.67 -21.99 -23.03
C LEU A 489 28.95 -21.21 -21.75
N ILE A 490 28.28 -20.09 -21.52
CA ILE A 490 28.60 -19.38 -20.29
C ILE A 490 28.11 -20.13 -19.06
N VAL A 491 26.91 -20.71 -19.16
CA VAL A 491 26.39 -21.48 -18.04
C VAL A 491 27.38 -22.58 -17.67
N PHE A 492 27.90 -23.27 -18.68
CA PHE A 492 28.91 -24.28 -18.40
C PHE A 492 30.16 -23.67 -17.76
N LYS A 493 30.72 -22.66 -18.42
CA LYS A 493 31.82 -21.91 -17.84
C LYS A 493 31.55 -21.61 -16.37
N LYS A 494 30.52 -20.81 -16.11
CA LYS A 494 30.22 -20.38 -14.74
C LYS A 494 30.10 -21.54 -13.73
N ALA A 495 29.38 -22.60 -14.13
CA ALA A 495 29.27 -23.77 -13.28
C ALA A 495 30.66 -24.39 -12.97
N VAL A 496 31.53 -24.52 -13.98
CA VAL A 496 32.85 -25.07 -13.71
C VAL A 496 33.65 -24.20 -12.72
N LEU A 497 33.52 -22.89 -12.88
CA LEU A 497 34.25 -21.95 -12.06
C LEU A 497 33.86 -22.08 -10.58
N SER A 498 32.61 -22.43 -10.33
CA SER A 498 32.13 -22.48 -8.95
C SER A 498 32.35 -23.83 -8.28
N THR A 499 32.19 -24.91 -9.03
CA THR A 499 32.33 -26.24 -8.43
C THR A 499 33.66 -26.95 -8.70
N HIS A 500 34.40 -26.49 -9.70
CA HIS A 500 35.73 -27.02 -9.94
C HIS A 500 36.78 -25.90 -10.04
N HIS A 501 36.84 -25.07 -9.01
CA HIS A 501 37.74 -23.91 -9.02
C HIS A 501 39.20 -24.32 -9.01
N GLU A 502 39.53 -25.36 -8.25
CA GLU A 502 40.87 -25.90 -8.18
C GLU A 502 41.45 -26.24 -9.58
N LYS A 503 40.58 -26.55 -10.53
CA LYS A 503 41.05 -27.02 -11.84
C LYS A 503 40.34 -26.35 -13.02
N PHE A 504 39.70 -25.21 -12.75
CA PHE A 504 38.89 -24.50 -13.74
C PHE A 504 39.62 -24.25 -15.07
N ASP A 505 40.69 -23.47 -15.03
CA ASP A 505 41.41 -23.10 -16.26
C ASP A 505 41.48 -24.26 -17.24
N GLU A 506 42.04 -25.37 -16.77
CA GLU A 506 42.34 -26.48 -17.63
C GLU A 506 41.08 -27.13 -18.20
N ILE A 507 40.05 -27.31 -17.37
CA ILE A 507 38.83 -27.98 -17.86
C ILE A 507 38.15 -27.17 -18.96
N TRP A 508 38.08 -25.85 -18.81
CA TRP A 508 37.56 -24.99 -19.87
C TRP A 508 38.41 -25.07 -21.14
N GLU A 509 39.72 -24.93 -20.99
CA GLU A 509 40.61 -25.00 -22.13
C GLU A 509 40.35 -26.29 -22.92
N ARG A 510 40.24 -27.41 -22.22
CA ARG A 510 39.97 -28.66 -22.92
C ARG A 510 38.52 -28.79 -23.38
N PHE A 511 37.60 -28.12 -22.69
CA PHE A 511 36.23 -28.10 -23.16
C PHE A 511 36.16 -27.43 -24.54
N LEU A 512 36.89 -26.32 -24.69
CA LEU A 512 36.88 -25.61 -25.96
C LEU A 512 37.56 -26.43 -27.05
N GLU A 513 38.62 -27.16 -26.67
CA GLU A 513 39.30 -28.07 -27.60
C GLU A 513 38.35 -29.10 -28.22
N GLY A 514 37.47 -29.66 -27.39
CA GLY A 514 36.51 -30.64 -27.86
C GLY A 514 35.42 -29.97 -28.70
N TYR A 515 34.95 -28.84 -28.23
CA TYR A 515 33.96 -28.05 -28.94
C TYR A 515 34.45 -27.74 -30.35
N LYS A 516 35.71 -27.36 -30.43
CA LYS A 516 36.37 -26.93 -31.65
C LYS A 516 36.48 -28.09 -32.63
N SER A 517 36.78 -29.28 -32.11
CA SER A 517 36.85 -30.47 -32.94
C SER A 517 35.62 -30.61 -33.83
N VAL A 518 34.45 -30.31 -33.27
CA VAL A 518 33.20 -30.74 -33.88
C VAL A 518 32.40 -29.62 -34.56
N TYR A 519 32.35 -28.46 -33.91
CA TYR A 519 31.53 -27.36 -34.42
C TYR A 519 32.45 -26.31 -35.03
N ASP A 520 32.31 -26.10 -36.33
CA ASP A 520 33.20 -25.21 -37.06
C ASP A 520 32.93 -23.73 -36.80
N ARG A 521 31.75 -23.41 -36.29
CA ARG A 521 31.40 -22.03 -36.00
C ARG A 521 31.79 -21.61 -34.57
N TRP A 522 32.58 -22.44 -33.92
CA TRP A 522 32.96 -22.25 -32.52
C TRP A 522 33.46 -20.84 -32.24
N GLU A 523 34.26 -20.30 -33.15
CA GLU A 523 34.81 -18.95 -32.97
C GLU A 523 33.74 -17.86 -32.88
N ILE A 524 32.73 -17.93 -33.73
CA ILE A 524 31.73 -16.88 -33.76
C ILE A 524 31.04 -16.72 -32.40
N ILE A 525 30.62 -17.84 -31.83
CA ILE A 525 29.87 -17.79 -30.59
C ILE A 525 30.78 -17.62 -29.37
N LEU A 526 32.03 -18.06 -29.49
CA LEU A 526 32.98 -17.84 -28.42
C LEU A 526 33.20 -16.33 -28.24
N GLU A 527 33.17 -15.60 -29.35
CA GLU A 527 33.38 -14.16 -29.29
C GLU A 527 32.08 -13.52 -28.87
N LEU A 528 30.99 -14.18 -29.25
CA LEU A 528 29.68 -13.67 -28.90
C LEU A 528 29.50 -13.73 -27.38
N MET A 529 30.23 -14.64 -26.76
CA MET A 529 30.18 -14.81 -25.31
C MET A 529 30.53 -13.52 -24.62
N LYS A 530 31.60 -12.90 -25.10
CA LYS A 530 32.09 -11.65 -24.54
C LYS A 530 31.01 -10.57 -24.54
N ASP A 531 30.39 -10.31 -25.68
CA ASP A 531 29.40 -9.25 -25.73
C ASP A 531 28.24 -9.54 -24.78
N VAL A 532 27.90 -10.82 -24.62
CA VAL A 532 26.82 -11.19 -23.70
C VAL A 532 27.27 -11.10 -22.26
N GLU A 533 28.51 -11.49 -22.00
CA GLU A 533 29.09 -11.43 -20.65
C GLU A 533 29.13 -9.99 -20.14
N ARG A 534 29.25 -9.03 -21.05
CA ARG A 534 29.23 -7.60 -20.71
C ARG A 534 27.84 -7.07 -20.36
N ARG A 535 27.03 -7.91 -19.73
CA ARG A 535 25.84 -7.45 -19.05
C ARG A 535 26.23 -7.29 -17.58
N ALA A 536 27.32 -6.56 -17.40
CA ALA A 536 27.94 -6.28 -16.11
C ALA A 536 27.79 -4.80 -15.80
N ARG A 537 28.56 -4.30 -14.84
CA ARG A 537 28.50 -2.89 -14.51
C ARG A 537 29.40 -2.07 -15.43
N TYR A 538 28.88 -0.94 -15.92
CA TYR A 538 29.67 -0.07 -16.76
C TYR A 538 30.95 0.44 -16.09
N VAL A 539 32.08 0.20 -16.76
CA VAL A 539 33.42 0.65 -16.35
C VAL A 539 34.03 -0.20 -15.22
N ASP B 4 -39.40 41.36 34.06
CA ASP B 4 -40.18 40.17 33.72
C ASP B 4 -40.25 39.90 32.21
N PRO B 5 -39.75 38.73 31.80
CA PRO B 5 -39.45 38.40 30.41
C PRO B 5 -40.60 37.75 29.70
N MET B 6 -40.38 37.48 28.41
CA MET B 6 -41.34 36.82 27.55
C MET B 6 -41.15 35.32 27.70
N ILE B 7 -42.23 34.56 27.89
CA ILE B 7 -42.05 33.13 28.08
C ILE B 7 -42.71 32.27 27.01
N CYS B 8 -42.01 31.21 26.59
CA CYS B 8 -42.44 30.34 25.51
C CYS B 8 -42.56 28.87 25.95
N LEU B 9 -43.62 28.23 25.51
CA LEU B 9 -43.86 26.81 25.72
C LEU B 9 -43.50 26.12 24.41
N GLY B 10 -42.57 25.16 24.49
CA GLY B 10 -42.11 24.42 23.32
C GLY B 10 -42.52 22.98 23.35
N LEU B 11 -42.94 22.47 22.19
CA LEU B 11 -43.36 21.08 22.04
C LEU B 11 -42.41 20.36 21.10
N GLU B 12 -41.82 19.25 21.57
CA GLU B 12 -40.94 18.41 20.75
C GLU B 12 -41.60 17.08 20.52
N GLY B 13 -41.74 16.71 19.25
CA GLY B 13 -42.52 15.55 18.86
C GLY B 13 -42.03 15.03 17.53
N THR B 14 -40.76 15.20 17.29
CA THR B 14 -40.09 14.84 16.05
C THR B 14 -39.99 13.33 15.77
N ALA B 15 -39.52 12.58 16.76
CA ALA B 15 -39.29 11.15 16.58
C ALA B 15 -40.05 10.34 17.64
N GLU B 16 -39.31 9.75 18.58
CA GLU B 16 -39.91 8.88 19.59
C GLU B 16 -39.98 9.51 21.00
N LYS B 17 -39.24 10.58 21.24
CA LYS B 17 -39.34 11.29 22.51
C LYS B 17 -40.36 12.44 22.47
N THR B 18 -41.28 12.47 23.43
CA THR B 18 -42.19 13.60 23.62
C THR B 18 -41.61 14.61 24.60
N GLY B 19 -41.42 15.85 24.18
CA GLY B 19 -40.88 16.86 25.07
C GLY B 19 -41.72 18.12 25.19
N VAL B 20 -41.81 18.65 26.39
CA VAL B 20 -42.45 19.94 26.63
C VAL B 20 -41.46 20.80 27.39
N GLY B 21 -41.26 22.04 26.95
CA GLY B 21 -40.35 22.95 27.61
C GLY B 21 -40.87 24.38 27.75
N ILE B 22 -40.52 25.04 28.86
CA ILE B 22 -40.89 26.42 29.03
C ILE B 22 -39.60 27.21 29.29
N VAL B 23 -39.40 28.26 28.51
CA VAL B 23 -38.16 29.03 28.56
C VAL B 23 -38.44 30.51 28.49
N THR B 24 -37.62 31.30 29.16
CA THR B 24 -37.78 32.75 29.13
C THR B 24 -36.86 33.36 28.07
N SER B 25 -37.13 34.58 27.65
CA SER B 25 -36.32 35.19 26.60
C SER B 25 -34.92 35.54 27.08
N ASP B 26 -34.70 35.60 28.39
CA ASP B 26 -33.34 35.84 28.88
C ASP B 26 -32.61 34.53 29.23
N GLY B 27 -33.12 33.42 28.72
CA GLY B 27 -32.39 32.17 28.70
C GLY B 27 -32.55 31.20 29.86
N GLU B 28 -33.47 31.48 30.77
CA GLU B 28 -33.74 30.56 31.86
C GLU B 28 -34.75 29.48 31.46
N VAL B 29 -34.39 28.23 31.72
CA VAL B 29 -35.32 27.14 31.46
C VAL B 29 -36.19 26.87 32.67
N LEU B 30 -37.46 27.26 32.58
CA LEU B 30 -38.42 27.09 33.67
C LEU B 30 -38.95 25.66 33.79
N PHE B 31 -39.01 24.95 32.68
CA PHE B 31 -39.57 23.60 32.67
C PHE B 31 -38.96 22.76 31.55
N ASN B 32 -38.56 21.52 31.86
CA ASN B 32 -38.10 20.61 30.82
C ASN B 32 -38.26 19.13 31.15
N LYS B 33 -39.37 18.54 30.71
CA LYS B 33 -39.55 17.08 30.84
C LYS B 33 -39.70 16.39 29.48
N THR B 34 -39.08 15.24 29.32
CA THR B 34 -39.33 14.42 28.14
C THR B 34 -39.66 12.98 28.53
N ILE B 35 -40.69 12.42 27.91
CA ILE B 35 -41.07 11.02 28.07
C ILE B 35 -40.76 10.22 26.81
N MET B 36 -39.97 9.17 26.95
CA MET B 36 -39.56 8.34 25.82
C MET B 36 -40.51 7.18 25.61
N TYR B 37 -40.58 6.72 24.37
CA TYR B 37 -41.43 5.59 24.01
C TYR B 37 -40.56 4.36 23.71
N LYS B 38 -40.80 3.26 24.43
CA LYS B 38 -40.01 2.05 24.27
C LYS B 38 -40.77 0.92 23.56
N PRO B 39 -40.36 0.58 22.33
CA PRO B 39 -41.04 -0.42 21.49
C PRO B 39 -40.87 -1.84 22.02
N GLY B 43 -38.21 -2.94 16.46
CA GLY B 43 -38.50 -2.05 15.35
C GLY B 43 -39.50 -0.96 15.71
N ILE B 44 -39.36 0.20 15.08
CA ILE B 44 -40.16 1.38 15.42
C ILE B 44 -41.05 1.84 14.27
N ASN B 45 -42.36 1.84 14.47
CA ASN B 45 -43.27 2.32 13.43
C ASN B 45 -44.00 3.62 13.81
N PRO B 46 -44.17 4.51 12.83
CA PRO B 46 -44.66 5.87 12.96
C PRO B 46 -46.00 6.02 13.67
N ARG B 47 -46.98 5.17 13.37
CA ARG B 47 -48.28 5.33 14.03
C ARG B 47 -48.20 5.03 15.54
N GLU B 48 -47.39 4.05 15.91
CA GLU B 48 -47.20 3.72 17.31
C GLU B 48 -46.57 4.94 17.99
N ALA B 49 -45.56 5.52 17.33
CA ALA B 49 -44.92 6.71 17.87
C ALA B 49 -45.88 7.91 18.00
N ALA B 50 -46.71 8.13 17.00
CA ALA B 50 -47.65 9.24 17.09
C ALA B 50 -48.66 9.01 18.21
N ASP B 51 -49.12 7.77 18.34
CA ASP B 51 -50.04 7.43 19.43
C ASP B 51 -49.41 7.73 20.79
N HIS B 52 -48.12 7.46 20.91
CA HIS B 52 -47.42 7.78 22.14
C HIS B 52 -47.42 9.29 22.42
N HIS B 53 -47.20 10.08 21.36
CA HIS B 53 -47.24 11.54 21.49
C HIS B 53 -48.63 12.02 21.91
N ALA B 54 -49.66 11.53 21.23
CA ALA B 54 -51.02 11.91 21.54
C ALA B 54 -51.33 11.61 22.98
N GLU B 55 -50.70 10.59 23.53
CA GLU B 55 -50.97 10.19 24.91
C GLU B 55 -50.11 10.96 25.91
N THR B 56 -48.91 11.32 25.49
CA THR B 56 -47.95 11.89 26.43
C THR B 56 -48.02 13.41 26.47
N PHE B 57 -48.42 14.05 25.38
CA PHE B 57 -48.43 15.51 25.38
C PHE B 57 -49.32 16.10 26.47
N PRO B 58 -50.58 15.68 26.54
CA PRO B 58 -51.41 16.33 27.57
C PRO B 58 -50.90 16.10 29.01
N LYS B 59 -50.29 14.96 29.30
CA LYS B 59 -49.71 14.75 30.61
C LYS B 59 -48.56 15.73 30.90
N LEU B 60 -47.70 15.96 29.92
CA LEU B 60 -46.62 16.92 30.07
C LEU B 60 -47.11 18.38 30.14
N ILE B 61 -48.16 18.71 29.41
CA ILE B 61 -48.71 20.06 29.48
C ILE B 61 -49.37 20.29 30.86
N LYS B 62 -50.11 19.29 31.33
CA LYS B 62 -50.63 19.35 32.67
C LYS B 62 -49.52 19.71 33.65
N GLU B 63 -48.40 18.98 33.61
CA GLU B 63 -47.33 19.22 34.56
C GLU B 63 -46.67 20.59 34.39
N ALA B 64 -46.64 21.08 33.16
CA ALA B 64 -46.06 22.38 32.89
C ALA B 64 -46.94 23.48 33.50
N PHE B 65 -48.26 23.36 33.30
CA PHE B 65 -49.17 24.36 33.85
C PHE B 65 -49.18 24.30 35.38
N GLU B 66 -48.64 23.21 35.94
CA GLU B 66 -48.49 23.08 37.38
C GLU B 66 -47.20 23.73 37.88
N VAL B 67 -46.39 24.25 36.98
CA VAL B 67 -45.10 24.82 37.37
C VAL B 67 -45.00 26.28 36.93
N VAL B 68 -45.66 26.61 35.84
CA VAL B 68 -45.81 28.01 35.42
C VAL B 68 -47.25 28.26 34.98
N ASP B 69 -47.79 29.41 35.34
CA ASP B 69 -49.20 29.70 35.05
C ASP B 69 -49.44 29.85 33.56
N LYS B 70 -50.50 29.24 33.05
CA LYS B 70 -50.72 29.25 31.60
C LYS B 70 -50.96 30.65 31.01
N ASN B 71 -51.51 31.55 31.82
CA ASN B 71 -51.75 32.92 31.39
C ASN B 71 -50.46 33.65 31.08
N GLU B 72 -49.36 33.14 31.65
CA GLU B 72 -48.04 33.74 31.52
C GLU B 72 -47.35 33.47 30.16
N ILE B 73 -47.72 32.37 29.50
CA ILE B 73 -47.07 32.09 28.22
C ILE B 73 -47.55 33.02 27.08
N ASP B 74 -46.59 33.48 26.31
CA ASP B 74 -46.81 34.48 25.27
C ASP B 74 -46.70 33.86 23.88
N LEU B 75 -46.03 32.72 23.83
CA LEU B 75 -45.62 32.13 22.58
C LEU B 75 -45.60 30.63 22.75
N ILE B 76 -46.16 29.90 21.79
CA ILE B 76 -45.93 28.48 21.78
C ILE B 76 -45.15 28.13 20.51
N ALA B 77 -44.09 27.37 20.70
CA ALA B 77 -43.27 26.92 19.60
C ALA B 77 -43.46 25.41 19.47
N PHE B 78 -43.41 24.90 18.23
CA PHE B 78 -43.34 23.45 18.06
C PHE B 78 -42.28 23.03 17.02
N SER B 79 -41.81 21.79 17.16
CA SER B 79 -40.91 21.17 16.20
C SER B 79 -41.64 20.92 14.88
N GLN B 80 -41.23 21.64 13.86
CA GLN B 80 -41.97 21.63 12.62
C GLN B 80 -41.40 20.58 11.68
N GLY B 81 -40.13 20.25 11.88
CA GLY B 81 -39.47 19.22 11.13
C GLY B 81 -37.99 19.44 11.32
N PRO B 82 -37.16 18.53 10.79
CA PRO B 82 -37.62 17.34 10.08
C PRO B 82 -37.94 16.21 11.04
N GLY B 83 -38.57 15.15 10.55
CA GLY B 83 -38.91 14.02 11.40
C GLY B 83 -40.00 13.18 10.79
N LEU B 84 -40.51 12.24 11.58
CA LEU B 84 -41.57 11.35 11.15
C LEU B 84 -42.91 12.05 10.93
N GLY B 85 -43.37 12.07 9.68
CA GLY B 85 -44.68 12.64 9.35
C GLY B 85 -45.77 12.58 10.41
N PRO B 86 -46.30 11.38 10.67
CA PRO B 86 -47.36 11.26 11.68
C PRO B 86 -47.04 11.85 13.08
N SER B 87 -45.82 11.75 13.58
CA SER B 87 -45.46 12.37 14.85
C SER B 87 -45.54 13.90 14.76
N LEU B 88 -44.95 14.46 13.70
CA LEU B 88 -45.08 15.89 13.47
C LEU B 88 -46.55 16.34 13.51
N ARG B 89 -47.43 15.58 12.84
CA ARG B 89 -48.84 15.95 12.79
C ARG B 89 -49.48 16.04 14.15
N VAL B 90 -49.16 15.09 15.03
CA VAL B 90 -49.71 15.12 16.37
C VAL B 90 -49.14 16.31 17.16
N THR B 91 -47.86 16.62 16.94
CA THR B 91 -47.20 17.75 17.58
C THR B 91 -47.77 19.09 17.08
N ALA B 92 -47.87 19.23 15.77
CA ALA B 92 -48.55 20.38 15.20
C ALA B 92 -49.97 20.56 15.78
N THR B 93 -50.76 19.48 15.85
CA THR B 93 -52.15 19.60 16.28
C THR B 93 -52.28 20.19 17.65
N VAL B 94 -51.43 19.72 18.57
CA VAL B 94 -51.49 20.13 19.95
C VAL B 94 -50.95 21.53 20.10
N ALA B 95 -49.86 21.82 19.41
CA ALA B 95 -49.29 23.15 19.40
C ALA B 95 -50.30 24.19 18.93
N ARG B 96 -51.02 23.86 17.86
CA ARG B 96 -52.02 24.77 17.28
C ARG B 96 -53.25 24.96 18.19
N THR B 97 -53.61 23.92 18.93
CA THR B 97 -54.73 23.99 19.83
C THR B 97 -54.36 24.88 21.00
N LEU B 98 -53.09 24.81 21.40
CA LEU B 98 -52.55 25.69 22.43
C LEU B 98 -52.63 27.16 21.97
N SER B 99 -52.11 27.43 20.78
CA SER B 99 -52.12 28.78 20.21
C SER B 99 -53.54 29.38 20.14
N LEU B 100 -54.48 28.58 19.68
CA LEU B 100 -55.88 28.97 19.60
C LEU B 100 -56.55 29.30 20.94
N THR B 101 -56.43 28.43 21.93
CA THR B 101 -57.18 28.59 23.16
C THR B 101 -56.54 29.59 24.14
N LEU B 102 -55.23 29.82 24.01
CA LEU B 102 -54.56 30.82 24.83
C LEU B 102 -54.43 32.15 24.07
N LYS B 103 -54.88 32.15 22.82
CA LYS B 103 -54.75 33.29 21.93
C LYS B 103 -53.32 33.85 21.94
N LYS B 104 -52.34 32.98 21.73
CA LYS B 104 -50.96 33.44 21.59
C LYS B 104 -50.38 33.03 20.24
N PRO B 105 -49.36 33.76 19.77
CA PRO B 105 -48.73 33.41 18.51
C PRO B 105 -48.00 32.05 18.52
N ILE B 106 -47.98 31.38 17.37
CA ILE B 106 -47.32 30.09 17.17
C ILE B 106 -46.14 30.32 16.26
N ILE B 107 -45.05 29.61 16.50
CA ILE B 107 -43.92 29.66 15.59
C ILE B 107 -43.37 28.24 15.38
N GLY B 108 -43.26 27.82 14.13
CA GLY B 108 -42.76 26.51 13.80
C GLY B 108 -41.25 26.52 13.74
N VAL B 109 -40.62 25.47 14.24
CA VAL B 109 -39.20 25.51 14.45
C VAL B 109 -38.43 24.32 13.87
N ASN B 110 -37.29 24.60 13.26
CA ASN B 110 -36.42 23.55 12.75
C ASN B 110 -35.70 22.81 13.86
N HIS B 111 -36.02 21.54 13.99
CA HIS B 111 -35.46 20.67 15.01
C HIS B 111 -33.92 20.67 15.08
N CYS B 112 -33.25 20.78 13.94
CA CYS B 112 -31.78 20.69 13.94
C CYS B 112 -31.16 21.98 14.44
N ILE B 113 -31.64 23.11 13.93
CA ILE B 113 -31.15 24.37 14.43
C ILE B 113 -31.41 24.49 15.94
N ALA B 114 -32.54 23.97 16.41
CA ALA B 114 -32.83 23.94 17.85
C ALA B 114 -31.76 23.24 18.70
N HIS B 115 -31.31 22.05 18.27
CA HIS B 115 -30.24 21.37 18.98
C HIS B 115 -29.02 22.26 19.18
N ILE B 116 -28.63 23.03 18.16
CA ILE B 116 -27.43 23.85 18.32
C ILE B 116 -27.63 25.13 19.11
N GLU B 117 -28.78 25.79 18.95
CA GLU B 117 -29.05 26.97 19.75
C GLU B 117 -29.11 26.70 21.27
N ILE B 118 -29.64 25.56 21.72
CA ILE B 118 -29.50 25.22 23.15
C ILE B 118 -28.07 24.87 23.49
N GLY B 119 -27.34 24.33 22.53
CA GLY B 119 -25.94 24.07 22.72
C GLY B 119 -25.24 25.37 23.08
N LYS B 120 -25.53 26.43 22.32
CA LYS B 120 -24.83 27.69 22.55
C LYS B 120 -25.26 28.35 23.86
N LEU B 121 -26.55 28.16 24.18
CA LEU B 121 -27.19 28.75 25.35
C LEU B 121 -26.64 28.10 26.59
N THR B 122 -26.65 26.79 26.55
CA THR B 122 -26.40 25.95 27.70
C THR B 122 -24.90 25.63 27.83
N THR B 123 -24.09 26.29 27.02
CA THR B 123 -22.68 25.96 26.87
C THR B 123 -21.80 27.20 26.64
N GLU B 124 -20.49 27.05 26.81
CA GLU B 124 -19.51 28.10 26.51
C GLU B 124 -19.35 28.37 25.01
N ALA B 125 -19.88 27.48 24.17
CA ALA B 125 -19.80 27.65 22.72
C ALA B 125 -20.44 28.97 22.30
N GLU B 126 -20.02 29.49 21.15
CA GLU B 126 -20.47 30.79 20.71
C GLU B 126 -20.83 30.75 19.24
N ASP B 127 -20.01 30.07 18.46
CA ASP B 127 -20.20 29.95 17.01
C ASP B 127 -19.55 28.65 16.53
N PRO B 128 -20.09 27.52 16.97
CA PRO B 128 -19.44 26.22 16.79
C PRO B 128 -19.76 25.51 15.48
N LEU B 129 -18.81 24.69 15.04
CA LEU B 129 -19.06 23.66 14.04
C LEU B 129 -19.75 22.57 14.82
N THR B 130 -20.87 22.08 14.32
CA THR B 130 -21.55 21.10 15.13
C THR B 130 -21.88 19.76 14.46
N LEU B 131 -21.50 18.68 15.13
CA LEU B 131 -21.85 17.34 14.73
C LEU B 131 -23.10 16.87 15.49
N TYR B 132 -24.17 16.61 14.74
CA TYR B 132 -25.44 16.18 15.31
C TYR B 132 -25.68 14.71 14.98
N VAL B 133 -25.84 13.90 16.01
CA VAL B 133 -25.98 12.46 15.81
C VAL B 133 -27.08 11.86 16.68
N SER B 134 -27.96 11.11 16.04
CA SER B 134 -29.14 10.55 16.69
C SER B 134 -29.56 9.29 15.96
N GLY B 135 -30.75 8.79 16.26
CA GLY B 135 -31.28 7.65 15.56
C GLY B 135 -31.59 8.00 14.12
N GLY B 136 -31.94 9.25 13.87
CA GLY B 136 -32.44 9.63 12.56
C GLY B 136 -31.61 10.66 11.83
N ASN B 137 -30.57 11.18 12.48
CA ASN B 137 -29.79 12.22 11.86
C ASN B 137 -28.33 12.03 12.13
N THR B 138 -27.49 12.36 11.14
CA THR B 138 -26.08 12.64 11.41
C THR B 138 -25.52 13.68 10.43
N GLN B 139 -25.19 14.85 10.96
CA GLN B 139 -24.95 15.99 10.11
C GLN B 139 -23.94 16.90 10.76
N VAL B 140 -23.03 17.42 9.95
CA VAL B 140 -22.19 18.52 10.39
C VAL B 140 -22.79 19.80 9.89
N ILE B 141 -22.99 20.75 10.80
CA ILE B 141 -23.74 21.96 10.52
C ILE B 141 -22.97 23.14 11.08
N ALA B 142 -22.97 24.25 10.34
CA ALA B 142 -22.29 25.45 10.77
C ALA B 142 -23.01 26.65 10.21
N TYR B 143 -22.97 27.76 10.94
CA TYR B 143 -23.52 29.02 10.45
C TYR B 143 -22.46 29.71 9.60
N VAL B 144 -22.64 29.66 8.29
CA VAL B 144 -21.75 30.38 7.40
C VAL B 144 -22.56 31.00 6.28
N SER B 145 -22.20 32.23 5.92
CA SER B 145 -22.87 32.94 4.86
C SER B 145 -24.38 33.03 5.14
N LYS B 146 -24.73 33.66 6.26
CA LYS B 146 -26.12 34.01 6.59
C LYS B 146 -27.11 32.87 6.90
N LYS B 147 -26.61 31.64 7.02
CA LYS B 147 -27.46 30.47 7.16
C LYS B 147 -26.77 29.28 7.79
N TYR B 148 -27.55 28.39 8.41
CA TYR B 148 -27.02 27.13 8.91
C TYR B 148 -26.99 26.14 7.76
N ARG B 149 -25.79 25.70 7.41
CA ARG B 149 -25.63 24.88 6.24
C ARG B 149 -25.01 23.57 6.66
N VAL B 150 -25.34 22.49 5.97
CA VAL B 150 -24.64 21.25 6.29
C VAL B 150 -23.37 21.07 5.45
N PHE B 151 -22.28 20.77 6.12
CA PHE B 151 -21.03 20.57 5.44
C PHE B 151 -20.63 19.10 5.42
N GLY B 152 -21.57 18.24 5.79
CA GLY B 152 -21.30 16.81 5.83
C GLY B 152 -22.44 16.07 6.50
N GLU B 153 -22.83 14.94 5.93
CA GLU B 153 -23.94 14.17 6.44
C GLU B 153 -23.89 12.75 5.95
N THR B 154 -24.70 11.89 6.54
CA THR B 154 -24.76 10.52 6.07
C THR B 154 -25.48 10.43 4.74
N LEU B 155 -25.17 9.39 3.99
CA LEU B 155 -25.73 9.20 2.66
C LEU B 155 -26.84 8.15 2.70
N ASP B 156 -26.90 7.40 3.80
CA ASP B 156 -27.94 6.39 3.94
C ASP B 156 -28.64 6.54 5.29
N ILE B 157 -28.18 5.81 6.29
CA ILE B 157 -28.85 5.79 7.58
C ILE B 157 -28.03 6.55 8.58
N ALA B 158 -28.68 6.95 9.68
CA ALA B 158 -28.03 7.70 10.75
C ALA B 158 -27.17 6.78 11.63
N VAL B 159 -26.19 7.35 12.32
CA VAL B 159 -25.25 6.54 13.03
C VAL B 159 -25.97 5.74 14.13
N GLY B 160 -27.01 6.36 14.71
CA GLY B 160 -27.75 5.73 15.78
C GLY B 160 -28.55 4.55 15.29
N ASN B 161 -29.15 4.76 14.13
CA ASN B 161 -29.91 3.71 13.51
C ASN B 161 -29.00 2.52 13.20
N CYS B 162 -27.81 2.80 12.69
CA CYS B 162 -26.83 1.77 12.42
C CYS B 162 -26.51 0.93 13.66
N LEU B 163 -26.24 1.57 14.79
CA LEU B 163 -25.91 0.85 16.02
C LEU B 163 -27.09 0.01 16.51
N ASP B 164 -28.30 0.57 16.42
CA ASP B 164 -29.53 -0.15 16.80
C ASP B 164 -29.78 -1.39 15.96
N GLN B 165 -29.52 -1.29 14.67
CA GLN B 165 -29.80 -2.41 13.77
C GLN B 165 -28.86 -3.57 14.04
N PHE B 166 -27.63 -3.23 14.40
CA PHE B 166 -26.65 -4.23 14.78
C PHE B 166 -26.95 -4.72 16.17
N ALA B 167 -27.41 -3.82 17.03
CA ALA B 167 -27.93 -4.24 18.32
C ALA B 167 -28.94 -5.38 18.11
N ARG B 168 -29.97 -5.11 17.32
CA ARG B 168 -31.04 -6.05 17.04
C ARG B 168 -30.54 -7.35 16.43
N TYR B 169 -29.59 -7.26 15.51
CA TYR B 169 -29.12 -8.44 14.77
C TYR B 169 -28.45 -9.42 15.72
N VAL B 170 -27.80 -8.84 16.71
CA VAL B 170 -26.92 -9.55 17.62
C VAL B 170 -27.67 -9.91 18.92
N ASN B 171 -28.99 -9.81 18.85
CA ASN B 171 -29.86 -10.20 19.96
C ASN B 171 -29.56 -9.49 21.30
N LEU B 172 -29.24 -8.20 21.23
CA LEU B 172 -29.09 -7.34 22.40
C LEU B 172 -30.37 -6.56 22.66
N PRO B 173 -30.54 -6.07 23.90
CA PRO B 173 -31.66 -5.23 24.36
C PRO B 173 -31.73 -3.92 23.61
N HIS B 174 -32.90 -3.28 23.58
CA HIS B 174 -33.04 -1.96 22.93
C HIS B 174 -33.37 -0.86 23.93
N PRO B 175 -32.73 0.31 23.81
CA PRO B 175 -31.67 0.66 22.83
C PRO B 175 -30.36 -0.12 23.00
N GLY B 176 -29.81 -0.59 21.88
CA GLY B 176 -28.60 -1.37 21.89
C GLY B 176 -27.35 -0.56 22.10
N GLY B 177 -27.50 0.77 22.00
CA GLY B 177 -26.41 1.70 22.19
C GLY B 177 -25.46 1.31 23.31
N PRO B 178 -25.91 1.45 24.56
CA PRO B 178 -25.07 1.21 25.73
C PRO B 178 -24.55 -0.21 25.80
N TYR B 179 -25.28 -1.15 25.23
CA TYR B 179 -24.85 -2.55 25.24
C TYR B 179 -23.66 -2.78 24.30
N ILE B 180 -23.67 -2.09 23.17
CA ILE B 180 -22.57 -2.18 22.22
C ILE B 180 -21.37 -1.47 22.81
N GLU B 181 -21.58 -0.23 23.25
CA GLU B 181 -20.53 0.53 23.89
C GLU B 181 -19.91 -0.26 25.03
N GLU B 182 -20.75 -0.89 25.84
CA GLU B 182 -20.27 -1.73 26.94
C GLU B 182 -19.30 -2.79 26.40
N LEU B 183 -19.82 -3.69 25.57
CA LEU B 183 -19.01 -4.74 24.96
C LEU B 183 -17.77 -4.21 24.25
N ALA B 184 -17.87 -3.02 23.67
CA ALA B 184 -16.76 -2.50 22.87
C ALA B 184 -15.53 -2.33 23.75
N ARG B 185 -15.75 -1.92 24.98
CA ARG B 185 -14.68 -1.65 25.90
C ARG B 185 -13.88 -2.92 26.16
N LYS B 186 -14.49 -4.10 25.97
CA LYS B 186 -13.78 -5.36 26.22
C LYS B 186 -13.12 -6.00 25.00
N GLY B 187 -13.28 -5.40 23.82
CA GLY B 187 -12.70 -5.95 22.61
C GLY B 187 -11.23 -5.64 22.50
N LYS B 188 -10.50 -6.40 21.70
CA LYS B 188 -9.09 -6.10 21.52
C LYS B 188 -8.61 -6.16 20.07
N LYS B 189 -9.26 -7.00 19.26
CA LYS B 189 -8.91 -7.10 17.85
C LYS B 189 -9.78 -6.18 16.98
N LEU B 190 -9.15 -5.43 16.09
CA LEU B 190 -9.85 -4.59 15.10
C LEU B 190 -10.24 -5.39 13.85
N VAL B 191 -11.52 -5.51 13.59
CA VAL B 191 -12.01 -6.31 12.47
C VAL B 191 -11.98 -5.51 11.18
N ASP B 192 -11.68 -6.16 10.06
CA ASP B 192 -11.64 -5.46 8.78
C ASP B 192 -13.04 -5.06 8.34
N LEU B 193 -13.27 -3.76 8.29
CA LEU B 193 -14.56 -3.19 7.94
C LEU B 193 -14.38 -2.11 6.88
N PRO B 194 -15.43 -1.85 6.09
CA PRO B 194 -15.37 -0.74 5.11
C PRO B 194 -15.31 0.58 5.85
N TYR B 195 -14.53 1.52 5.33
CA TYR B 195 -14.45 2.90 5.84
C TYR B 195 -14.73 3.81 4.65
N THR B 196 -15.97 4.27 4.57
CA THR B 196 -16.49 4.78 3.32
C THR B 196 -16.79 6.28 3.35
N VAL B 197 -15.99 7.03 2.59
CA VAL B 197 -16.14 8.48 2.48
C VAL B 197 -16.38 8.89 1.05
N LYS B 198 -17.38 9.72 0.82
CA LYS B 198 -17.60 10.27 -0.51
C LYS B 198 -17.77 11.79 -0.43
N GLY B 199 -16.67 12.49 -0.66
CA GLY B 199 -16.60 13.92 -0.49
C GLY B 199 -16.55 14.24 0.98
N MET B 200 -17.51 15.04 1.44
CA MET B 200 -17.61 15.37 2.86
C MET B 200 -18.59 14.43 3.57
N ASP B 201 -19.20 13.54 2.80
CA ASP B 201 -20.26 12.69 3.32
C ASP B 201 -19.75 11.28 3.69
N ILE B 202 -20.56 10.56 4.43
CA ILE B 202 -20.21 9.20 4.85
C ILE B 202 -21.38 8.24 4.68
N ALA B 203 -21.10 6.96 4.75
CA ALA B 203 -22.11 5.94 4.49
C ALA B 203 -21.99 4.82 5.52
N PHE B 204 -23.13 4.32 5.99
CA PHE B 204 -23.12 3.36 7.07
C PHE B 204 -23.66 2.00 6.70
N SER B 205 -24.44 1.97 5.64
CA SER B 205 -25.10 0.73 5.24
C SER B 205 -24.14 -0.43 5.00
N GLY B 206 -23.06 -0.19 4.27
CA GLY B 206 -22.07 -1.22 4.01
C GLY B 206 -21.29 -1.59 5.27
N LEU B 207 -21.05 -0.62 6.12
CA LEU B 207 -20.45 -0.86 7.42
C LEU B 207 -21.32 -1.82 8.22
N LEU B 208 -22.62 -1.53 8.28
CA LEU B 208 -23.56 -2.35 9.04
C LEU B 208 -23.53 -3.78 8.54
N THR B 209 -23.65 -3.93 7.21
CA THR B 209 -23.65 -5.23 6.57
C THR B 209 -22.38 -6.03 6.88
N ALA B 210 -21.23 -5.36 6.81
CA ALA B 210 -19.96 -6.03 7.03
C ALA B 210 -19.86 -6.57 8.45
N ALA B 211 -20.31 -5.74 9.40
CA ALA B 211 -20.39 -6.12 10.80
C ALA B 211 -21.27 -7.35 10.96
N MET B 212 -22.41 -7.34 10.24
CA MET B 212 -23.35 -8.44 10.33
C MET B 212 -22.67 -9.70 9.82
N ARG B 213 -21.93 -9.56 8.74
CA ARG B 213 -21.27 -10.70 8.14
C ARG B 213 -20.23 -11.24 9.11
N ALA B 214 -19.55 -10.34 9.80
CA ALA B 214 -18.50 -10.75 10.72
C ALA B 214 -19.06 -11.59 11.88
N TYR B 215 -20.22 -11.19 12.37
CA TYR B 215 -20.89 -11.91 13.43
C TYR B 215 -21.25 -13.33 12.98
N ASP B 216 -21.71 -13.45 11.74
CA ASP B 216 -22.11 -14.74 11.21
C ASP B 216 -20.90 -15.62 10.98
N ALA B 217 -19.76 -14.98 10.81
CA ALA B 217 -18.53 -15.66 10.42
C ALA B 217 -17.73 -16.19 11.61
N GLY B 218 -18.21 -15.89 12.82
CA GLY B 218 -17.54 -16.31 14.05
C GLY B 218 -16.57 -15.31 14.69
N GLU B 219 -16.66 -14.03 14.33
CA GLU B 219 -15.84 -13.03 14.99
C GLU B 219 -16.38 -12.75 16.38
N ARG B 220 -15.49 -12.52 17.34
CA ARG B 220 -15.90 -12.25 18.71
C ARG B 220 -16.78 -11.00 18.82
N LEU B 221 -17.90 -11.13 19.54
CA LEU B 221 -18.86 -10.05 19.66
C LEU B 221 -18.22 -8.74 20.14
N GLU B 222 -17.40 -8.83 21.19
CA GLU B 222 -16.73 -7.65 21.74
C GLU B 222 -15.94 -6.94 20.66
N ASP B 223 -15.23 -7.72 19.84
CA ASP B 223 -14.36 -7.18 18.80
C ASP B 223 -15.17 -6.45 17.76
N ILE B 224 -16.27 -7.06 17.34
CA ILE B 224 -17.09 -6.46 16.31
C ILE B 224 -17.64 -5.17 16.87
N CYS B 225 -18.20 -5.25 18.07
CA CYS B 225 -18.75 -4.08 18.74
C CYS B 225 -17.72 -2.97 18.76
N TYR B 226 -16.55 -3.29 19.29
CA TYR B 226 -15.45 -2.34 19.37
C TYR B 226 -15.14 -1.72 18.01
N SER B 227 -14.97 -2.57 17.02
CA SER B 227 -14.59 -2.14 15.68
C SER B 227 -15.68 -1.32 15.05
N LEU B 228 -16.90 -1.84 15.12
CA LEU B 228 -18.08 -1.12 14.67
C LEU B 228 -18.00 0.35 15.11
N GLN B 229 -17.81 0.57 16.41
CA GLN B 229 -17.74 1.92 16.94
C GLN B 229 -16.55 2.67 16.38
N GLU B 230 -15.41 1.98 16.27
CA GLU B 230 -14.18 2.66 15.89
C GLU B 230 -14.27 3.19 14.49
N TYR B 231 -14.79 2.36 13.58
CA TYR B 231 -14.91 2.77 12.19
C TYR B 231 -15.94 3.89 12.07
N ALA B 232 -17.13 3.65 12.62
CA ALA B 232 -18.21 4.62 12.54
C ALA B 232 -17.81 5.96 13.17
N PHE B 233 -17.17 5.90 14.34
CA PHE B 233 -16.86 7.12 15.05
C PHE B 233 -15.73 7.88 14.38
N SER B 234 -14.73 7.16 13.89
CA SER B 234 -13.64 7.79 13.15
C SER B 234 -14.18 8.52 11.94
N MET B 235 -15.04 7.88 11.16
CA MET B 235 -15.63 8.52 10.00
C MET B 235 -16.32 9.85 10.36
N LEU B 236 -17.11 9.86 11.43
CA LEU B 236 -17.73 11.12 11.88
C LEU B 236 -16.67 12.13 12.30
N THR B 237 -15.73 11.72 13.14
CA THR B 237 -14.66 12.61 13.55
C THR B 237 -13.94 13.23 12.34
N GLU B 238 -13.59 12.39 11.37
CA GLU B 238 -12.89 12.90 10.17
C GLU B 238 -13.60 13.96 9.32
N ILE B 239 -14.92 13.81 9.12
CA ILE B 239 -15.65 14.82 8.35
C ILE B 239 -15.89 16.05 9.20
N THR B 240 -15.92 15.88 10.51
CA THR B 240 -15.99 17.03 11.40
C THR B 240 -14.66 17.76 11.27
N GLU B 241 -13.56 17.01 11.38
CA GLU B 241 -12.24 17.61 11.24
C GLU B 241 -12.08 18.35 9.91
N ARG B 242 -12.52 17.73 8.83
CA ARG B 242 -12.38 18.36 7.51
C ARG B 242 -13.27 19.60 7.38
N ALA B 243 -14.54 19.50 7.77
CA ALA B 243 -15.41 20.66 7.74
C ALA B 243 -14.75 21.84 8.45
N LEU B 244 -14.08 21.55 9.56
CA LEU B 244 -13.36 22.55 10.32
C LEU B 244 -12.53 23.42 9.37
N ALA B 245 -11.99 22.77 8.34
CA ALA B 245 -11.17 23.47 7.36
C ALA B 245 -11.95 24.59 6.70
N HIS B 246 -13.01 24.27 5.96
CA HIS B 246 -13.69 25.34 5.24
C HIS B 246 -14.96 25.90 5.87
N THR B 247 -14.98 25.89 7.20
CA THR B 247 -15.97 26.64 7.96
C THR B 247 -15.24 27.58 8.92
N ASN B 248 -13.92 27.45 8.98
CA ASN B 248 -13.09 28.33 9.80
C ASN B 248 -13.74 28.64 11.14
N LYS B 249 -14.06 27.58 11.87
CA LYS B 249 -14.65 27.71 13.20
C LYS B 249 -13.61 27.43 14.27
N GLY B 250 -13.89 27.83 15.50
CA GLY B 250 -12.92 27.70 16.57
C GLY B 250 -13.34 26.68 17.62
N GLU B 251 -14.59 26.24 17.55
CA GLU B 251 -15.05 25.18 18.43
C GLU B 251 -15.92 24.14 17.72
N VAL B 252 -15.93 22.95 18.29
CA VAL B 252 -16.80 21.87 17.85
C VAL B 252 -17.81 21.63 18.98
N MET B 253 -19.07 21.37 18.60
CA MET B 253 -20.08 20.99 19.58
C MET B 253 -20.72 19.66 19.19
N LEU B 254 -20.87 18.77 20.16
CA LEU B 254 -21.49 17.49 19.88
C LEU B 254 -22.90 17.52 20.42
N VAL B 255 -23.82 17.06 19.61
CA VAL B 255 -25.21 17.26 19.92
C VAL B 255 -26.02 16.08 19.40
N GLY B 256 -27.03 15.67 20.16
CA GLY B 256 -27.89 14.56 19.79
C GLY B 256 -27.78 13.38 20.75
N GLY B 257 -28.71 12.43 20.59
CA GLY B 257 -28.82 11.31 21.50
C GLY B 257 -27.55 10.47 21.63
N VAL B 258 -26.83 10.34 20.51
CA VAL B 258 -25.63 9.53 20.50
C VAL B 258 -24.46 10.15 21.27
N ALA B 259 -24.53 11.46 21.54
CA ALA B 259 -23.43 12.13 22.23
C ALA B 259 -23.22 11.52 23.60
N ALA B 260 -24.10 10.64 23.99
CA ALA B 260 -24.01 10.01 25.29
C ALA B 260 -22.87 9.02 25.34
N ASN B 261 -22.45 8.55 24.17
CA ASN B 261 -21.37 7.57 24.07
C ASN B 261 -20.05 8.22 24.46
N ASN B 262 -19.35 7.63 25.43
CA ASN B 262 -18.14 8.25 25.96
C ASN B 262 -17.01 8.16 24.95
N ARG B 263 -16.91 7.00 24.31
CA ARG B 263 -15.90 6.82 23.28
C ARG B 263 -16.00 7.88 22.19
N LEU B 264 -17.22 8.23 21.78
CA LEU B 264 -17.39 9.27 20.76
C LEU B 264 -16.97 10.64 21.28
N ARG B 265 -17.33 10.96 22.52
CA ARG B 265 -16.89 12.21 23.14
C ARG B 265 -15.37 12.21 23.26
N GLU B 266 -14.84 11.16 23.88
CA GLU B 266 -13.40 10.99 24.06
C GLU B 266 -12.64 11.21 22.76
N MET B 267 -13.16 10.61 21.71
CA MET B 267 -12.56 10.67 20.39
C MET B 267 -12.61 12.08 19.79
N LEU B 268 -13.81 12.67 19.74
CA LEU B 268 -13.95 14.05 19.25
C LEU B 268 -13.07 15.03 20.00
N LYS B 269 -12.92 14.86 21.32
CA LYS B 269 -12.08 15.77 22.06
C LYS B 269 -10.63 15.72 21.56
N ALA B 270 -10.10 14.51 21.40
CA ALA B 270 -8.71 14.35 20.98
C ALA B 270 -8.48 15.05 19.65
N MET B 271 -9.45 14.92 18.75
CA MET B 271 -9.38 15.59 17.46
C MET B 271 -9.26 17.09 17.63
N CYS B 272 -10.08 17.64 18.51
CA CYS B 272 -10.09 19.08 18.73
C CYS B 272 -8.81 19.52 19.41
N GLU B 273 -8.28 18.66 20.27
CA GLU B 273 -7.03 18.96 20.93
C GLU B 273 -5.90 19.00 19.91
N GLY B 274 -6.06 18.30 18.80
CA GLY B 274 -5.05 18.29 17.76
C GLY B 274 -5.18 19.44 16.76
N GLN B 275 -6.26 20.18 16.86
CA GLN B 275 -6.51 21.28 15.94
C GLN B 275 -6.59 22.58 16.74
N ASN B 276 -6.35 22.48 18.05
CA ASN B 276 -6.27 23.67 18.87
C ASN B 276 -7.62 24.38 18.92
N VAL B 277 -8.69 23.60 19.03
CA VAL B 277 -10.04 24.17 19.06
C VAL B 277 -10.84 23.64 20.24
N ASP B 278 -11.80 24.43 20.71
CA ASP B 278 -12.63 24.06 21.84
C ASP B 278 -13.59 22.94 21.52
N PHE B 279 -13.88 22.11 22.51
CA PHE B 279 -14.90 21.08 22.35
C PHE B 279 -16.03 21.18 23.39
N TYR B 280 -17.27 21.15 22.91
CA TYR B 280 -18.40 21.37 23.80
C TYR B 280 -19.46 20.28 23.65
N VAL B 281 -20.04 19.88 24.77
CA VAL B 281 -21.18 18.97 24.79
C VAL B 281 -22.14 19.38 25.89
N PRO B 282 -23.39 19.65 25.51
CA PRO B 282 -24.43 20.17 26.39
C PRO B 282 -24.81 19.16 27.46
N PRO B 283 -25.44 19.63 28.55
CA PRO B 283 -25.97 18.75 29.59
C PRO B 283 -26.98 17.77 29.00
N LYS B 284 -27.01 16.55 29.50
CA LYS B 284 -27.88 15.52 28.96
C LYS B 284 -29.29 16.01 28.60
N GLU B 285 -29.94 16.76 29.49
CA GLU B 285 -31.32 17.15 29.23
C GLU B 285 -31.49 18.09 28.03
N PHE B 286 -30.38 18.56 27.46
CA PHE B 286 -30.44 19.44 26.31
C PHE B 286 -29.69 18.85 25.14
N CYS B 287 -29.17 17.66 25.34
CA CYS B 287 -28.37 17.06 24.32
C CYS B 287 -29.24 16.23 23.40
N GLY B 288 -30.28 15.64 23.95
CA GLY B 288 -31.14 14.77 23.19
C GLY B 288 -32.39 15.54 22.88
N ASP B 289 -33.33 14.91 22.18
CA ASP B 289 -34.62 15.54 21.91
C ASP B 289 -35.27 16.03 23.21
N ASN B 290 -35.61 17.32 23.23
CA ASN B 290 -36.26 17.91 24.38
C ASN B 290 -37.08 19.10 23.92
N GLY B 291 -38.01 19.54 24.76
CA GLY B 291 -38.88 20.65 24.44
C GLY B 291 -38.31 22.04 24.73
N ALA B 292 -37.33 22.10 25.61
CA ALA B 292 -36.73 23.39 25.96
C ALA B 292 -36.04 23.99 24.75
N MET B 293 -35.47 23.16 23.89
CA MET B 293 -34.76 23.70 22.74
C MET B 293 -35.71 24.32 21.74
N ILE B 294 -36.84 23.67 21.48
CA ILE B 294 -37.71 24.27 20.49
C ILE B 294 -38.30 25.58 21.05
N ALA B 295 -38.49 25.64 22.36
CA ALA B 295 -38.99 26.87 22.97
C ALA B 295 -37.93 27.97 22.89
N TRP B 296 -36.68 27.62 23.13
CA TRP B 296 -35.61 28.60 23.02
C TRP B 296 -35.49 29.20 21.62
N LEU B 297 -35.64 28.37 20.59
CA LEU B 297 -35.56 28.84 19.21
C LEU B 297 -36.80 29.67 18.81
N GLY B 298 -37.97 29.19 19.19
CA GLY B 298 -39.17 29.99 19.06
C GLY B 298 -38.90 31.41 19.54
N LEU B 299 -38.39 31.53 20.77
CA LEU B 299 -38.14 32.84 21.34
C LEU B 299 -37.19 33.62 20.47
N LEU B 300 -36.08 32.99 20.10
CA LEU B 300 -35.11 33.64 19.25
C LEU B 300 -35.80 34.19 18.01
N MET B 301 -36.48 33.32 17.27
CA MET B 301 -37.08 33.75 16.03
C MET B 301 -38.15 34.82 16.25
N HIS B 302 -38.89 34.70 17.35
CA HIS B 302 -39.98 35.62 17.64
C HIS B 302 -39.53 37.03 18.13
N LYS B 303 -38.55 37.07 19.03
CA LYS B 303 -37.95 38.33 19.46
C LYS B 303 -37.53 39.17 18.26
N ASN B 304 -37.14 38.51 17.18
CA ASN B 304 -36.64 39.21 16.01
C ASN B 304 -37.71 39.37 14.94
N GLY B 305 -38.97 39.32 15.37
CA GLY B 305 -40.09 39.57 14.47
C GLY B 305 -40.27 38.48 13.44
N ARG B 306 -40.98 37.44 13.84
CA ARG B 306 -41.28 36.33 12.96
C ARG B 306 -42.37 35.53 13.61
N TRP B 307 -43.53 35.49 12.97
CA TRP B 307 -44.61 34.64 13.46
C TRP B 307 -45.31 33.98 12.29
N MET B 308 -46.04 32.92 12.59
CA MET B 308 -46.71 32.15 11.55
C MET B 308 -48.21 32.15 11.77
N SER B 309 -48.95 32.15 10.66
CA SER B 309 -50.38 31.90 10.72
C SER B 309 -50.60 30.39 10.91
N LEU B 310 -51.86 29.99 10.92
CA LEU B 310 -52.19 28.57 10.93
C LEU B 310 -51.59 27.93 9.68
N ASP B 311 -51.94 28.45 8.51
CA ASP B 311 -51.44 27.90 7.25
C ASP B 311 -49.93 27.69 7.22
N GLU B 312 -49.19 28.65 7.77
CA GLU B 312 -47.74 28.60 7.77
C GLU B 312 -47.17 27.47 8.65
N THR B 313 -48.02 26.90 9.51
CA THR B 313 -47.57 25.87 10.46
C THR B 313 -47.67 24.46 9.91
N LYS B 314 -47.66 24.33 8.58
CA LYS B 314 -47.56 23.04 7.92
C LYS B 314 -46.35 22.28 8.45
N ILE B 315 -46.45 20.96 8.52
CA ILE B 315 -45.30 20.14 8.87
C ILE B 315 -44.36 20.00 7.67
N ILE B 316 -43.06 20.02 7.93
CA ILE B 316 -42.09 19.88 6.88
C ILE B 316 -41.18 18.71 7.23
N PRO B 317 -41.58 17.48 6.86
CA PRO B 317 -40.87 16.24 7.20
C PRO B 317 -39.41 16.21 6.79
N ASN B 318 -39.04 16.96 5.78
CA ASN B 318 -37.65 17.01 5.33
C ASN B 318 -37.01 18.38 5.51
N TYR B 319 -37.56 19.16 6.45
CA TYR B 319 -37.07 20.51 6.73
C TYR B 319 -35.55 20.58 6.58
N ARG B 320 -35.08 21.41 5.66
CA ARG B 320 -33.64 21.61 5.51
C ARG B 320 -33.15 22.79 6.34
N THR B 321 -32.04 22.55 7.03
CA THR B 321 -31.49 23.56 7.91
C THR B 321 -31.40 24.92 7.23
N ASP B 322 -31.00 24.93 5.96
CA ASP B 322 -30.76 26.19 5.25
C ASP B 322 -31.98 26.76 4.55
N MET B 323 -33.14 26.15 4.75
CA MET B 323 -34.38 26.74 4.28
C MET B 323 -34.81 27.78 5.30
N VAL B 324 -34.04 27.90 6.39
CA VAL B 324 -34.44 28.73 7.53
C VAL B 324 -33.74 30.09 7.60
N GLU B 325 -34.55 31.14 7.55
CA GLU B 325 -34.06 32.51 7.52
C GLU B 325 -33.55 32.93 8.89
N VAL B 326 -32.23 33.02 9.01
CA VAL B 326 -31.62 33.34 10.31
C VAL B 326 -31.73 34.83 10.65
N ASN B 327 -32.52 35.14 11.68
CA ASN B 327 -32.68 36.53 12.08
C ASN B 327 -32.23 36.82 13.51
N TRP B 328 -31.60 35.86 14.17
CA TRP B 328 -31.32 36.03 15.59
C TRP B 328 -29.81 36.14 15.94
N ILE B 329 -28.93 35.96 14.96
CA ILE B 329 -27.50 36.20 15.13
C ILE B 329 -27.13 37.64 14.76
N GLY B 347 -3.22 18.98 10.27
CA GLY B 347 -4.52 19.51 9.85
C GLY B 347 -4.49 20.39 8.59
N ALA B 348 -5.27 20.02 7.57
CA ALA B 348 -6.29 18.99 7.68
C ALA B 348 -5.73 17.57 7.71
N GLU B 349 -5.73 16.85 6.58
CA GLU B 349 -5.26 15.46 6.61
C GLU B 349 -3.73 15.31 6.64
N ALA B 350 -3.04 15.99 5.74
CA ALA B 350 -1.60 15.80 5.64
C ALA B 350 -0.77 17.05 5.85
N ASP B 351 0.46 16.83 6.29
CA ASP B 351 1.44 17.90 6.38
C ASP B 351 2.09 18.07 5.03
N ILE B 352 2.10 19.29 4.51
CA ILE B 352 2.78 19.53 3.25
C ILE B 352 3.93 20.55 3.40
N LYS B 353 5.16 20.09 3.19
CA LYS B 353 6.34 20.95 3.27
C LYS B 353 6.88 21.22 1.88
N ARG B 354 7.24 22.47 1.61
CA ARG B 354 7.94 22.75 0.37
C ARG B 354 9.41 22.51 0.61
N ASP B 355 10.10 22.03 -0.41
CA ASP B 355 11.51 21.72 -0.27
C ASP B 355 12.19 21.66 -1.64
N SER B 356 13.52 21.64 -1.61
CA SER B 356 14.31 21.41 -2.80
C SER B 356 15.03 20.07 -2.69
N TYR B 357 15.05 19.31 -3.77
CA TYR B 357 15.72 18.01 -3.81
C TYR B 357 16.42 17.88 -5.16
N LEU B 358 17.75 17.78 -5.13
CA LEU B 358 18.53 17.79 -6.36
C LEU B 358 18.16 19.01 -7.21
N ASP B 359 17.89 20.11 -6.52
CA ASP B 359 17.60 21.39 -7.15
C ASP B 359 16.19 21.51 -7.74
N PHE B 360 15.43 20.43 -7.73
CA PHE B 360 14.03 20.51 -8.15
C PHE B 360 13.15 21.05 -7.02
N ASP B 361 12.17 21.87 -7.40
CA ASP B 361 11.17 22.34 -6.45
C ASP B 361 10.19 21.21 -6.18
N VAL B 362 10.12 20.77 -4.94
CA VAL B 362 9.26 19.63 -4.59
C VAL B 362 8.45 19.97 -3.35
N ILE B 363 7.30 19.32 -3.20
CA ILE B 363 6.65 19.31 -1.90
C ILE B 363 6.65 17.88 -1.34
N ILE B 364 6.96 17.74 -0.06
CA ILE B 364 6.85 16.43 0.61
C ILE B 364 5.55 16.40 1.40
N LYS B 365 4.65 15.49 1.01
CA LYS B 365 3.30 15.41 1.57
C LYS B 365 3.11 14.20 2.49
N GLU B 366 3.21 14.41 3.79
CA GLU B 366 3.16 13.34 4.75
C GLU B 366 1.79 13.24 5.43
N ARG B 367 1.15 12.08 5.34
CA ARG B 367 -0.12 11.83 6.01
C ARG B 367 0.13 11.40 7.47
N VAL B 368 0.01 12.37 8.38
CA VAL B 368 0.41 12.16 9.76
C VAL B 368 -0.56 11.30 10.53
N LYS B 369 -0.04 10.63 11.55
CA LYS B 369 -0.87 9.92 12.52
C LYS B 369 -1.93 10.84 13.08
N LYS B 370 -3.17 10.37 13.08
CA LYS B 370 -4.24 11.00 13.83
C LYS B 370 -4.40 10.29 15.16
N GLY B 371 -3.98 10.95 16.24
CA GLY B 371 -3.96 10.32 17.55
C GLY B 371 -5.31 9.77 17.96
N TYR B 372 -6.37 10.51 17.62
CA TYR B 372 -7.70 10.17 18.08
C TYR B 372 -8.23 8.80 17.68
N ARG B 373 -7.63 8.18 16.66
CA ARG B 373 -8.11 6.87 16.20
C ARG B 373 -7.26 5.67 16.59
N ASP B 374 -7.90 4.50 16.60
CA ASP B 374 -7.22 3.26 16.90
C ASP B 374 -5.96 3.15 16.05
N GLU B 375 -4.83 2.85 16.68
CA GLU B 375 -3.54 2.90 15.99
C GLU B 375 -3.56 2.06 14.72
N ARG B 376 -4.22 0.91 14.76
CA ARG B 376 -4.40 0.05 13.58
C ARG B 376 -5.25 0.66 12.46
N LEU B 377 -6.35 1.31 12.82
CA LEU B 377 -7.17 2.00 11.84
C LEU B 377 -6.35 3.09 11.13
N ASP B 378 -5.61 3.85 11.94
CA ASP B 378 -4.76 4.93 11.50
C ASP B 378 -3.73 4.45 10.48
N GLU B 379 -3.01 3.40 10.84
CA GLU B 379 -2.03 2.83 9.94
C GLU B 379 -2.65 2.49 8.58
N ASN B 380 -3.81 1.82 8.60
CA ASN B 380 -4.47 1.44 7.33
C ASN B 380 -4.91 2.61 6.49
N ILE B 381 -5.58 3.59 7.10
CA ILE B 381 -6.08 4.69 6.29
C ILE B 381 -4.92 5.54 5.73
N ARG B 382 -3.85 5.70 6.50
CA ARG B 382 -2.68 6.47 6.04
C ARG B 382 -1.89 5.80 4.92
N LYS B 383 -1.63 4.50 5.07
CA LYS B 383 -0.92 3.75 4.03
C LYS B 383 -1.78 3.62 2.75
N SER B 384 -3.05 3.24 2.88
CA SER B 384 -3.88 3.11 1.69
C SER B 384 -4.08 4.42 0.94
N ARG B 385 -4.19 5.54 1.65
CA ARG B 385 -4.42 6.79 0.96
C ARG B 385 -3.17 7.29 0.27
N THR B 386 -2.04 7.19 0.97
CA THR B 386 -0.76 7.51 0.39
C THR B 386 -0.56 6.69 -0.88
N ALA B 387 -0.83 5.40 -0.77
CA ALA B 387 -0.64 4.50 -1.91
C ALA B 387 -1.60 4.85 -3.04
N ARG B 388 -2.87 5.05 -2.73
CA ARG B 388 -3.83 5.38 -3.78
C ARG B 388 -3.47 6.69 -4.47
N GLU B 389 -3.01 7.68 -3.69
CA GLU B 389 -2.72 8.99 -4.25
C GLU B 389 -1.56 8.96 -5.25
N ALA B 390 -0.46 8.34 -4.86
CA ALA B 390 0.66 8.18 -5.79
C ALA B 390 0.19 7.38 -7.01
N ARG B 391 -0.49 6.27 -6.78
CA ARG B 391 -0.92 5.44 -7.89
C ARG B 391 -1.70 6.21 -8.95
N TYR B 392 -2.72 6.96 -8.50
CA TYR B 392 -3.58 7.68 -9.45
C TYR B 392 -2.97 8.99 -9.98
N LEU B 393 -2.10 9.62 -9.22
CA LEU B 393 -1.45 10.82 -9.75
C LEU B 393 -0.50 10.42 -10.85
N ALA B 394 0.08 9.23 -10.75
CA ALA B 394 0.93 8.69 -11.80
C ALA B 394 0.10 8.23 -12.98
N LEU B 395 -0.98 7.51 -12.69
CA LEU B 395 -1.84 6.94 -13.71
C LEU B 395 -2.42 8.01 -14.60
N VAL B 396 -2.96 9.05 -13.97
CA VAL B 396 -3.71 10.07 -14.68
C VAL B 396 -2.91 10.74 -15.79
N LYS B 397 -1.59 10.78 -15.61
CA LYS B 397 -0.69 11.46 -16.53
C LYS B 397 -0.68 10.74 -17.87
N ASP B 398 -1.49 9.70 -17.96
CA ASP B 398 -1.50 8.83 -19.12
C ASP B 398 -2.81 9.00 -19.87
N PHE B 399 -3.70 9.81 -19.29
CA PHE B 399 -4.99 10.07 -19.89
C PHE B 399 -5.01 11.43 -20.59
N GLY B 400 -3.94 12.18 -20.40
CA GLY B 400 -3.83 13.49 -20.99
C GLY B 400 -4.03 14.57 -19.95
N ILE B 401 -4.42 14.14 -18.75
CA ILE B 401 -4.64 15.05 -17.65
C ILE B 401 -3.35 15.35 -16.87
N PRO B 402 -3.02 16.64 -16.73
CA PRO B 402 -1.83 17.14 -16.04
C PRO B 402 -1.80 16.85 -14.54
N ALA B 403 -0.70 16.27 -14.09
CA ALA B 403 -0.55 15.94 -12.67
C ALA B 403 0.89 16.04 -12.23
N PRO B 404 1.09 16.36 -10.94
CA PRO B 404 2.43 16.44 -10.37
C PRO B 404 3.25 15.17 -10.64
N TYR B 405 4.54 15.33 -10.87
CA TYR B 405 5.42 14.19 -11.03
C TYR B 405 5.76 13.58 -9.66
N ILE B 406 5.65 12.25 -9.58
CA ILE B 406 5.89 11.52 -8.34
C ILE B 406 7.32 11.01 -8.28
N PHE B 407 8.12 11.61 -7.40
CA PHE B 407 9.51 11.23 -7.18
C PHE B 407 9.60 9.95 -6.36
N ASP B 408 8.74 9.86 -5.35
CA ASP B 408 8.82 8.80 -4.34
C ASP B 408 7.48 8.60 -3.62
N VAL B 409 7.17 7.34 -3.34
CA VAL B 409 6.06 6.99 -2.45
C VAL B 409 6.63 6.16 -1.33
N ASP B 410 6.84 6.77 -0.17
CA ASP B 410 7.31 6.04 1.00
C ASP B 410 6.11 5.51 1.77
N LEU B 411 5.67 4.29 1.46
CA LEU B 411 4.55 3.72 2.18
C LEU B 411 4.80 3.57 3.69
N ASP B 412 6.02 3.29 4.09
CA ASP B 412 6.33 3.07 5.51
C ASP B 412 6.28 4.36 6.31
N ASN B 413 6.61 5.47 5.67
CA ASN B 413 6.58 6.77 6.33
C ASN B 413 5.34 7.60 5.97
N LYS B 414 4.46 7.01 5.16
CA LYS B 414 3.28 7.67 4.61
C LYS B 414 3.60 9.03 4.01
N ARG B 415 4.52 9.01 3.05
CA ARG B 415 5.09 10.25 2.57
C ARG B 415 5.22 10.21 1.05
N ILE B 416 4.89 11.31 0.40
CA ILE B 416 5.02 11.38 -1.04
C ILE B 416 5.88 12.59 -1.41
N MET B 417 6.92 12.38 -2.20
CA MET B 417 7.60 13.51 -2.80
C MET B 417 7.08 13.74 -4.21
N MET B 418 6.48 14.90 -4.44
CA MET B 418 5.99 15.23 -5.78
C MET B 418 6.42 16.67 -6.15
N SER B 419 6.50 16.97 -7.44
CA SER B 419 6.90 18.30 -7.85
C SER B 419 5.88 19.32 -7.39
N TYR B 420 6.26 20.58 -7.41
CA TYR B 420 5.42 21.66 -6.92
C TYR B 420 4.93 22.49 -8.10
N ILE B 421 3.61 22.74 -8.17
CA ILE B 421 3.06 23.64 -9.19
C ILE B 421 2.73 24.99 -8.55
N ASN B 422 3.30 26.06 -9.07
CA ASN B 422 3.22 27.36 -8.40
C ASN B 422 1.98 28.19 -8.69
N GLY B 423 1.02 27.61 -9.42
CA GLY B 423 -0.22 28.31 -9.70
C GLY B 423 -1.10 28.51 -8.46
N LYS B 424 -2.33 28.94 -8.68
CA LYS B 424 -3.26 29.17 -7.58
C LYS B 424 -4.44 28.20 -7.66
N LEU B 425 -5.02 27.90 -6.50
CA LEU B 425 -6.14 26.97 -6.44
C LEU B 425 -7.29 27.40 -7.34
N ALA B 426 -7.95 26.44 -7.96
CA ALA B 426 -9.17 26.73 -8.69
C ALA B 426 -10.30 27.16 -7.75
N LYS B 427 -10.17 26.86 -6.46
CA LYS B 427 -11.14 27.30 -5.46
C LYS B 427 -11.14 28.81 -5.30
N ASP B 428 -10.54 29.50 -6.27
CA ASP B 428 -10.65 30.94 -6.40
C ASP B 428 -10.06 31.47 -7.72
N VAL B 429 -10.42 30.81 -8.82
CA VAL B 429 -10.23 31.36 -10.16
C VAL B 429 -11.42 31.03 -11.08
N ILE B 430 -12.08 29.89 -10.86
CA ILE B 430 -13.24 29.52 -11.68
C ILE B 430 -14.29 30.62 -11.62
N GLU B 431 -14.29 31.32 -10.49
CA GLU B 431 -15.26 32.38 -10.24
C GLU B 431 -15.19 33.39 -11.38
N ASP B 432 -13.99 33.93 -11.60
CA ASP B 432 -13.81 35.02 -12.56
C ASP B 432 -13.12 34.53 -13.84
N ASN B 433 -13.05 33.22 -14.00
CA ASN B 433 -12.47 32.61 -15.20
C ASN B 433 -13.10 31.24 -15.45
N LEU B 434 -14.21 31.23 -16.17
CA LEU B 434 -14.98 30.02 -16.38
C LEU B 434 -14.18 28.91 -17.05
N ASP B 435 -13.28 29.29 -17.95
CA ASP B 435 -12.55 28.31 -18.76
C ASP B 435 -12.07 27.14 -17.91
N ILE B 436 -11.56 27.43 -16.71
CA ILE B 436 -10.97 26.37 -15.90
C ILE B 436 -12.04 25.47 -15.29
N ALA B 437 -13.19 26.06 -14.96
CA ALA B 437 -14.33 25.27 -14.50
C ALA B 437 -14.73 24.29 -15.58
N TYR B 438 -14.45 24.67 -16.83
CA TYR B 438 -14.73 23.82 -17.98
C TYR B 438 -13.62 22.81 -18.21
N LYS B 439 -12.41 23.17 -17.82
CA LYS B 439 -11.25 22.31 -18.03
C LYS B 439 -11.17 21.26 -16.92
N ILE B 440 -11.85 21.55 -15.81
CA ILE B 440 -12.06 20.58 -14.75
C ILE B 440 -12.88 19.42 -15.29
N GLY B 441 -14.13 19.70 -15.66
CA GLY B 441 -15.01 18.70 -16.20
C GLY B 441 -14.32 17.95 -17.32
N GLU B 442 -13.50 18.66 -18.07
CA GLU B 442 -12.76 18.05 -19.15
C GLU B 442 -11.95 16.89 -18.59
N ILE B 443 -11.19 17.16 -17.53
CA ILE B 443 -10.38 16.11 -16.91
C ILE B 443 -11.20 15.11 -16.09
N VAL B 444 -12.35 15.52 -15.57
CA VAL B 444 -13.22 14.57 -14.86
C VAL B 444 -13.85 13.57 -15.82
N GLY B 445 -14.06 14.00 -17.06
CA GLY B 445 -14.55 13.12 -18.11
C GLY B 445 -13.46 12.16 -18.55
N LYS B 446 -12.28 12.69 -18.85
CA LYS B 446 -11.15 11.85 -19.20
C LYS B 446 -11.03 10.78 -18.12
N LEU B 447 -11.26 11.19 -16.87
CA LEU B 447 -11.27 10.26 -15.75
C LEU B 447 -12.32 9.17 -15.91
N HIS B 448 -13.59 9.58 -15.95
CA HIS B 448 -14.69 8.62 -16.01
C HIS B 448 -14.67 7.81 -17.30
N LYS B 449 -14.05 8.36 -18.33
CA LYS B 449 -13.85 7.64 -19.58
C LYS B 449 -13.09 6.33 -19.33
N ASN B 450 -12.05 6.41 -18.53
CA ASN B 450 -11.20 5.25 -18.24
C ASN B 450 -11.58 4.50 -16.96
N ASP B 451 -12.79 4.73 -16.48
CA ASP B 451 -13.30 4.00 -15.34
C ASP B 451 -12.44 4.22 -14.10
N VAL B 452 -12.09 5.48 -13.87
CA VAL B 452 -11.38 5.87 -12.65
C VAL B 452 -12.23 6.92 -11.96
N ILE B 453 -12.69 6.64 -10.75
CA ILE B 453 -13.47 7.64 -10.03
C ILE B 453 -12.66 8.26 -8.90
N HIS B 454 -12.97 9.52 -8.58
CA HIS B 454 -12.17 10.32 -7.64
C HIS B 454 -12.65 10.31 -6.18
N ASN B 455 -13.96 10.41 -5.99
CA ASN B 455 -14.59 10.36 -4.67
C ASN B 455 -14.30 11.54 -3.76
N ASP B 456 -13.75 12.62 -4.31
CA ASP B 456 -13.56 13.85 -3.55
C ASP B 456 -13.33 15.00 -4.51
N LEU B 457 -14.14 15.06 -5.55
CA LEU B 457 -14.05 16.16 -6.50
C LEU B 457 -14.45 17.48 -5.86
N THR B 458 -13.48 18.39 -5.75
CA THR B 458 -13.74 19.77 -5.38
C THR B 458 -12.76 20.66 -6.11
N THR B 459 -12.94 21.97 -5.96
CA THR B 459 -12.13 22.95 -6.67
C THR B 459 -10.80 23.24 -5.99
N SER B 460 -10.72 22.92 -4.70
CA SER B 460 -9.46 23.09 -3.97
C SER B 460 -8.50 21.94 -4.27
N ASN B 461 -8.97 20.97 -5.06
CA ASN B 461 -8.15 19.85 -5.49
C ASN B 461 -7.54 20.03 -6.89
N PHE B 462 -7.60 21.24 -7.42
CA PHE B 462 -7.01 21.54 -8.72
C PHE B 462 -6.17 22.79 -8.62
N ILE B 463 -5.29 22.99 -9.60
CA ILE B 463 -4.39 24.14 -9.61
C ILE B 463 -4.11 24.56 -11.05
N PHE B 464 -4.17 25.86 -11.30
CA PHE B 464 -3.97 26.39 -12.64
C PHE B 464 -2.90 27.46 -12.67
N ASP B 465 -1.93 27.29 -13.57
CA ASP B 465 -1.03 28.39 -13.90
C ASP B 465 -1.12 28.67 -15.41
N LYS B 466 -1.16 27.60 -16.20
CA LYS B 466 -1.46 27.67 -17.62
C LYS B 466 -2.24 26.41 -18.00
N ASP B 467 -2.07 25.37 -17.21
CA ASP B 467 -2.83 24.14 -17.34
C ASP B 467 -3.53 23.84 -16.04
N LEU B 468 -4.50 22.95 -16.08
CA LEU B 468 -5.09 22.45 -14.84
C LEU B 468 -4.38 21.22 -14.34
N TYR B 469 -4.03 21.25 -13.06
CA TYR B 469 -3.36 20.13 -12.43
C TYR B 469 -4.23 19.62 -11.33
N ILE B 470 -4.54 18.33 -11.37
CA ILE B 470 -5.22 17.68 -10.27
C ILE B 470 -4.13 17.24 -9.29
N ILE B 471 -4.33 17.46 -8.00
CA ILE B 471 -3.20 17.35 -7.07
C ILE B 471 -3.47 16.53 -5.81
N ASP B 472 -4.60 15.84 -5.76
CA ASP B 472 -4.97 14.99 -4.63
C ASP B 472 -5.79 13.84 -5.21
N PHE B 473 -5.55 12.62 -4.72
CA PHE B 473 -6.26 11.49 -5.26
C PHE B 473 -6.30 10.32 -4.28
N GLY B 474 -6.27 10.63 -2.98
CA GLY B 474 -6.21 9.63 -1.93
C GLY B 474 -7.45 8.77 -1.72
N LEU B 475 -8.57 9.16 -2.33
CA LEU B 475 -9.78 8.34 -2.20
C LEU B 475 -10.20 7.67 -3.50
N GLY B 476 -9.35 7.71 -4.52
CA GLY B 476 -9.75 7.20 -5.81
C GLY B 476 -9.84 5.69 -5.90
N LYS B 477 -10.48 5.20 -6.95
CA LYS B 477 -10.52 3.77 -7.21
C LYS B 477 -10.93 3.49 -8.64
N ILE B 478 -10.72 2.25 -9.09
CA ILE B 478 -11.09 1.83 -10.45
C ILE B 478 -12.47 1.15 -10.45
N SER B 479 -13.37 1.66 -11.29
CA SER B 479 -14.76 1.18 -11.34
C SER B 479 -15.44 1.51 -12.67
N ASN B 480 -16.03 0.51 -13.30
CA ASN B 480 -16.78 0.72 -14.55
C ASN B 480 -18.26 0.96 -14.29
N LEU B 481 -18.72 0.48 -13.13
CA LEU B 481 -20.09 0.70 -12.69
C LEU B 481 -20.53 2.15 -12.91
N ASP B 482 -21.46 2.34 -13.85
CA ASP B 482 -22.00 3.67 -14.15
C ASP B 482 -22.60 4.38 -12.92
N GLU B 483 -22.92 3.62 -11.88
CA GLU B 483 -23.52 4.20 -10.67
C GLU B 483 -22.50 4.93 -9.77
N ASP B 484 -21.29 4.39 -9.69
CA ASP B 484 -20.24 5.03 -8.89
C ASP B 484 -19.76 6.34 -9.52
N LYS B 485 -19.79 6.40 -10.85
CA LYS B 485 -19.47 7.64 -11.56
C LYS B 485 -20.53 8.69 -11.27
N ALA B 486 -21.75 8.22 -11.02
CA ALA B 486 -22.86 9.11 -10.69
C ALA B 486 -22.58 9.81 -9.37
N VAL B 487 -22.31 9.03 -8.33
CA VAL B 487 -21.89 9.59 -7.06
C VAL B 487 -20.75 10.59 -7.31
N ASP B 488 -19.77 10.17 -8.10
CA ASP B 488 -18.61 11.01 -8.32
C ASP B 488 -19.02 12.41 -8.77
N LEU B 489 -20.02 12.47 -9.63
CA LEU B 489 -20.50 13.75 -10.13
C LEU B 489 -21.37 14.52 -9.14
N ILE B 490 -22.10 13.81 -8.27
CA ILE B 490 -22.92 14.51 -7.29
C ILE B 490 -22.03 14.98 -6.15
N VAL B 491 -20.89 14.34 -5.99
CA VAL B 491 -19.94 14.76 -4.97
C VAL B 491 -19.45 16.14 -5.33
N PHE B 492 -19.17 16.34 -6.61
CA PHE B 492 -18.67 17.63 -7.11
C PHE B 492 -19.73 18.69 -7.09
N LYS B 493 -20.93 18.32 -7.52
CA LYS B 493 -22.07 19.23 -7.53
C LYS B 493 -22.34 19.69 -6.09
N LYS B 494 -22.44 18.73 -5.18
CA LYS B 494 -22.69 19.01 -3.78
C LYS B 494 -21.57 19.89 -3.22
N ALA B 495 -20.43 19.89 -3.91
CA ALA B 495 -19.27 20.64 -3.46
C ALA B 495 -19.43 22.12 -3.77
N VAL B 496 -19.65 22.43 -5.05
CA VAL B 496 -19.82 23.78 -5.52
C VAL B 496 -20.89 24.51 -4.72
N LEU B 497 -21.98 23.79 -4.45
CA LEU B 497 -23.08 24.37 -3.70
C LEU B 497 -22.78 24.50 -2.21
N SER B 498 -21.55 24.17 -1.82
CA SER B 498 -21.19 24.22 -0.41
C SER B 498 -20.41 25.48 -0.09
N THR B 499 -19.70 25.99 -1.08
CA THR B 499 -18.84 27.15 -0.89
C THR B 499 -18.73 27.99 -2.15
N HIS B 500 -19.64 27.75 -3.10
CA HIS B 500 -19.71 28.53 -4.33
C HIS B 500 -21.17 28.78 -4.71
N HIS B 501 -22.03 28.90 -3.69
CA HIS B 501 -23.47 29.08 -3.88
C HIS B 501 -23.77 29.90 -5.12
N GLU B 502 -23.40 31.18 -5.06
CA GLU B 502 -23.76 32.16 -6.08
C GLU B 502 -23.44 31.69 -7.50
N LYS B 503 -22.16 31.76 -7.86
CA LYS B 503 -21.75 31.53 -9.23
C LYS B 503 -21.95 30.08 -9.67
N PHE B 504 -22.52 29.27 -8.79
CA PHE B 504 -22.73 27.85 -9.08
C PHE B 504 -23.37 27.60 -10.45
N ASP B 505 -24.52 28.21 -10.67
CA ASP B 505 -25.34 27.98 -11.86
C ASP B 505 -24.55 27.77 -13.15
N GLU B 506 -23.55 28.62 -13.40
CA GLU B 506 -22.85 28.60 -14.68
C GLU B 506 -21.52 27.82 -14.71
N ILE B 507 -20.93 27.55 -13.56
CA ILE B 507 -19.71 26.76 -13.55
C ILE B 507 -20.01 25.28 -13.81
N TRP B 508 -21.11 24.80 -13.23
CA TRP B 508 -21.58 23.45 -13.53
C TRP B 508 -22.04 23.41 -14.97
N GLU B 509 -22.28 24.59 -15.53
CA GLU B 509 -22.65 24.74 -16.94
C GLU B 509 -21.48 24.43 -17.88
N ARG B 510 -20.40 25.20 -17.79
CA ARG B 510 -19.22 24.94 -18.61
C ARG B 510 -18.52 23.66 -18.17
N PHE B 511 -18.78 23.25 -16.94
CA PHE B 511 -18.26 21.99 -16.45
C PHE B 511 -18.77 20.83 -17.29
N LEU B 512 -20.10 20.77 -17.43
CA LEU B 512 -20.74 19.68 -18.16
C LEU B 512 -20.32 19.67 -19.64
N GLU B 513 -20.21 20.84 -20.25
CA GLU B 513 -19.73 20.92 -21.62
C GLU B 513 -18.35 20.30 -21.75
N GLY B 514 -17.50 20.53 -20.75
CA GLY B 514 -16.18 19.95 -20.70
C GLY B 514 -16.22 18.45 -20.50
N TYR B 515 -17.14 18.01 -19.63
CA TYR B 515 -17.38 16.59 -19.42
C TYR B 515 -17.83 15.94 -20.73
N LYS B 516 -18.88 16.52 -21.32
CA LYS B 516 -19.45 16.05 -22.58
C LYS B 516 -18.40 16.01 -23.70
N SER B 517 -17.37 16.86 -23.59
CA SER B 517 -16.32 16.93 -24.60
C SER B 517 -15.56 15.62 -24.77
N VAL B 518 -15.38 14.90 -23.67
CA VAL B 518 -14.50 13.74 -23.64
C VAL B 518 -15.24 12.41 -23.44
N TYR B 519 -16.30 12.42 -22.64
CA TYR B 519 -17.04 11.19 -22.36
C TYR B 519 -18.38 11.15 -23.08
N ASP B 520 -18.41 10.45 -24.21
CA ASP B 520 -19.59 10.35 -25.06
C ASP B 520 -20.73 9.66 -24.32
N ARG B 521 -20.40 9.01 -23.22
CA ARG B 521 -21.38 8.28 -22.44
C ARG B 521 -22.04 9.19 -21.41
N TRP B 522 -21.81 10.49 -21.54
CA TRP B 522 -22.28 11.47 -20.57
C TRP B 522 -23.77 11.35 -20.26
N GLU B 523 -24.57 11.14 -21.30
CA GLU B 523 -26.02 10.99 -21.17
C GLU B 523 -26.41 10.11 -19.99
N ILE B 524 -25.99 8.85 -20.04
CA ILE B 524 -26.43 7.86 -19.07
C ILE B 524 -26.24 8.36 -17.66
N ILE B 525 -24.99 8.61 -17.30
CA ILE B 525 -24.63 9.00 -15.94
C ILE B 525 -25.32 10.27 -15.48
N LEU B 526 -25.78 11.07 -16.44
CA LEU B 526 -26.53 12.28 -16.13
C LEU B 526 -27.92 11.95 -15.60
N GLU B 527 -28.55 10.93 -16.18
CA GLU B 527 -29.90 10.53 -15.76
C GLU B 527 -29.84 9.84 -14.40
N LEU B 528 -28.81 9.03 -14.20
CA LEU B 528 -28.60 8.35 -12.93
C LEU B 528 -28.55 9.36 -11.78
N MET B 529 -28.23 10.61 -12.12
CA MET B 529 -28.20 11.69 -11.14
C MET B 529 -29.52 11.75 -10.39
N LYS B 530 -30.61 11.63 -11.14
CA LYS B 530 -31.95 11.73 -10.57
C LYS B 530 -32.19 10.64 -9.52
N ASP B 531 -32.01 9.38 -9.93
CA ASP B 531 -32.23 8.24 -9.03
C ASP B 531 -31.63 8.46 -7.65
N VAL B 532 -30.54 9.22 -7.61
CA VAL B 532 -29.80 9.44 -6.38
C VAL B 532 -30.51 10.38 -5.40
N GLU B 533 -30.87 11.57 -5.86
CA GLU B 533 -31.54 12.55 -5.01
C GLU B 533 -33.04 12.24 -4.86
N ARG B 534 -33.35 11.23 -4.05
CA ARG B 534 -34.72 10.79 -3.83
C ARG B 534 -34.90 10.30 -2.41
#